data_1K1W
#
_entry.id   1K1W
#
_cell.length_a   124.940
_cell.length_b   124.940
_cell.length_c   246.960
_cell.angle_alpha   90.00
_cell.angle_beta   90.00
_cell.angle_gamma   120.00
#
_symmetry.space_group_name_H-M   'P 64 2 2'
#
loop_
_entity.id
_entity.type
_entity.pdbx_description
1 polymer 4-ALPHA-GLUCANOTRANSFERASE
2 non-polymer alpha-D-glucopyranose
3 non-polymer 'CALCIUM ION'
4 non-polymer 'SULFATE ION'
5 water water
#
_entity_poly.entity_id   1
_entity_poly.type   'polypeptide(L)'
_entity_poly.pdbx_seq_one_letter_code
;(MSE)ERINFIFGIHNHQPLGNFGWVFEEAYNRSYRPF(MSE)EILEEFPE(MSE)KVNVHFSGPLLEWIEENKPDYLDL
LRSLIKRGQLEIVVAGFYEPVLAAIPKEDRLVQIE(MSE)LKDYARKLGYDAKGVWLTERVWQPELVKSLREAGIEYVVV
DDYHF(MSE)SAGLSKEELFWPYYTEDGGEVITVFPIDEKLRYLIPFRPVKKTIEYLESLTSDDPSKVAVFHDDGEKFGV
WPGTYEWVYEKGWLREFFDAITSNEKINL(MSE)TYSEYLSKFTPRGLVYLPIASYFE(MSE)SEWSLPAKQAKLFVEFV
EQLKEEGKFEKYRVFVRGGIWKNFFFKYPESNF(MSE)HKR(MSE)L(MSE)VSKAVRDNPEARKYILKAQCNDAYWHGV
FGGIYLPHLRRTVWENIIKAQRYLKPENKILDVDFDGRAEI(MSE)VENDGFIATIKPHYGGSIFELSSKRKAVNYNDVL
PRRWEHYHEVPEATKPEKESEEGIASIHELGKQIPEEIRRELAYDWQLRAILQDHFIKPEETLDNYRLVKYHELGDFVNQ
PYEYE(MSE)IENGVKLWREGGVYAEEKIPARVEKKIELTEDGFIAKYRVLLEKPYKALFGVEINLAVHSV(MSE)EKPE
EFEAKEFEVNDPYGIGKVRIELDKAAKVWKFPIKTLSQSEAGWDFIQQGVSYT(MSE)LFPIEKELEFTVRFREL
;
_entity_poly.pdbx_strand_id   A
#
loop_
_chem_comp.id
_chem_comp.type
_chem_comp.name
_chem_comp.formula
CA non-polymer 'CALCIUM ION' 'Ca 2'
GLC D-saccharide, alpha linking alpha-D-glucopyranose 'C6 H12 O6'
SO4 non-polymer 'SULFATE ION' 'O4 S -2'
#
# COMPACT_ATOMS: atom_id res chain seq x y z
N ILE A 4 -12.27 -37.61 -7.42
CA ILE A 4 -12.01 -36.13 -7.43
C ILE A 4 -10.78 -35.73 -6.63
N ASN A 5 -9.85 -35.05 -7.30
CA ASN A 5 -8.60 -34.59 -6.67
C ASN A 5 -8.76 -33.31 -5.87
N PHE A 6 -8.06 -33.24 -4.74
CA PHE A 6 -8.13 -32.08 -3.85
C PHE A 6 -6.77 -31.56 -3.40
N ILE A 7 -6.57 -30.26 -3.60
CA ILE A 7 -5.33 -29.61 -3.21
C ILE A 7 -5.72 -28.55 -2.18
N PHE A 8 -5.17 -28.70 -0.98
CA PHE A 8 -5.45 -27.78 0.11
C PHE A 8 -4.18 -27.02 0.45
N GLY A 9 -4.30 -25.69 0.56
CA GLY A 9 -3.13 -24.90 0.91
C GLY A 9 -3.46 -23.54 1.50
N ILE A 10 -2.54 -23.01 2.30
CA ILE A 10 -2.73 -21.71 2.92
C ILE A 10 -1.57 -20.75 2.58
N HIS A 11 -1.83 -19.46 2.78
CA HIS A 11 -0.89 -18.38 2.51
C HIS A 11 -0.73 -17.51 3.76
N ASN A 12 0.38 -17.68 4.47
CA ASN A 12 0.67 -16.89 5.68
C ASN A 12 1.59 -15.71 5.40
N HIS A 13 1.19 -14.52 5.82
CA HIS A 13 1.98 -13.33 5.59
C HIS A 13 1.67 -12.21 6.58
N GLN A 14 2.64 -11.35 6.81
CA GLN A 14 2.48 -10.22 7.71
C GLN A 14 3.34 -9.14 7.05
N PRO A 15 2.76 -7.98 6.78
CA PRO A 15 3.56 -6.93 6.14
C PRO A 15 4.75 -6.40 6.93
N LEU A 16 5.81 -6.04 6.22
CA LEU A 16 6.98 -5.50 6.88
C LEU A 16 6.59 -4.21 7.60
N GLY A 17 6.91 -4.13 8.89
CA GLY A 17 6.60 -2.93 9.62
C GLY A 17 5.45 -3.10 10.57
N ASN A 18 4.77 -4.24 10.45
CA ASN A 18 3.63 -4.52 11.30
C ASN A 18 4.12 -4.58 12.73
N PHE A 19 3.21 -4.31 13.66
CA PHE A 19 3.55 -4.34 15.06
C PHE A 19 3.93 -5.73 15.55
N GLY A 20 4.96 -5.78 16.39
CA GLY A 20 5.41 -7.04 16.94
C GLY A 20 4.28 -7.84 17.55
N TRP A 21 3.42 -7.17 18.33
CA TRP A 21 2.31 -7.85 18.98
C TRP A 21 1.33 -8.41 17.98
N VAL A 22 1.18 -7.72 16.85
CA VAL A 22 0.28 -8.18 15.82
C VAL A 22 0.85 -9.49 15.31
N PHE A 23 2.17 -9.53 15.16
CA PHE A 23 2.84 -10.74 14.68
C PHE A 23 2.56 -11.90 15.64
N GLU A 24 2.90 -11.70 16.91
CA GLU A 24 2.73 -12.74 17.90
C GLU A 24 1.31 -13.29 17.93
N GLU A 25 0.34 -12.39 17.83
CA GLU A 25 -1.06 -12.77 17.82
C GLU A 25 -1.29 -13.77 16.71
N ALA A 26 -1.08 -13.34 15.47
CA ALA A 26 -1.28 -14.21 14.33
C ALA A 26 -0.65 -15.57 14.59
N TYR A 27 0.52 -15.55 15.21
CA TYR A 27 1.25 -16.77 15.52
C TYR A 27 0.43 -17.69 16.44
N ASN A 28 0.14 -17.20 17.64
CA ASN A 28 -0.64 -17.97 18.61
C ASN A 28 -2.04 -18.27 18.10
N ARG A 29 -2.62 -17.33 17.37
CA ARG A 29 -3.98 -17.47 16.83
C ARG A 29 -4.15 -18.49 15.73
N SER A 30 -3.14 -18.66 14.87
CA SER A 30 -3.30 -19.60 13.77
C SER A 30 -2.05 -20.28 13.29
N TYR A 31 -0.98 -19.52 13.11
CA TYR A 31 0.25 -20.12 12.62
C TYR A 31 0.62 -21.33 13.46
N ARG A 32 0.65 -21.17 14.78
CA ARG A 32 1.01 -22.25 15.68
C ARG A 32 -0.10 -23.33 15.75
N PRO A 33 -1.32 -22.95 16.18
CA PRO A 33 -2.38 -23.95 16.26
C PRO A 33 -2.56 -24.83 15.01
N PHE A 34 -2.66 -24.18 13.85
CA PHE A 34 -2.84 -24.90 12.60
C PHE A 34 -1.83 -26.02 12.43
N MSE A 35 -0.55 -25.68 12.48
CA MSE A 35 0.50 -26.66 12.33
C MSE A 35 0.54 -27.69 13.45
O MSE A 35 1.13 -28.76 13.29
CB MSE A 35 1.86 -25.96 12.17
CG MSE A 35 2.00 -25.12 10.89
SE MSE A 35 1.90 -26.13 9.23
CE MSE A 35 1.09 -24.80 8.08
N GLU A 36 -0.08 -27.39 14.57
CA GLU A 36 -0.10 -28.36 15.66
C GLU A 36 -1.16 -29.41 15.32
N ILE A 37 -2.33 -28.92 14.91
CA ILE A 37 -3.43 -29.80 14.53
C ILE A 37 -3.10 -30.56 13.25
N LEU A 38 -2.21 -29.98 12.44
CA LEU A 38 -1.81 -30.63 11.20
C LEU A 38 -0.90 -31.81 11.53
N GLU A 39 -0.06 -31.65 12.53
CA GLU A 39 0.86 -32.70 12.92
C GLU A 39 0.16 -33.99 13.33
N GLU A 40 -1.06 -33.87 13.86
CA GLU A 40 -1.76 -35.07 14.32
C GLU A 40 -2.62 -35.80 13.28
N PHE A 41 -2.47 -35.45 12.01
CA PHE A 41 -3.20 -36.10 10.93
C PHE A 41 -2.21 -36.33 9.81
N PRO A 42 -1.28 -37.28 9.99
CA PRO A 42 -0.21 -37.67 9.07
C PRO A 42 -0.59 -37.86 7.60
N GLU A 43 -1.89 -37.95 7.33
CA GLU A 43 -2.38 -38.11 5.95
C GLU A 43 -2.72 -36.76 5.35
N MSE A 44 -2.98 -35.78 6.21
CA MSE A 44 -3.29 -34.42 5.77
C MSE A 44 -2.06 -33.74 5.17
O MSE A 44 -1.02 -33.67 5.81
CB MSE A 44 -3.79 -33.58 6.95
CG MSE A 44 -5.27 -33.31 6.95
SE MSE A 44 -5.84 -32.53 5.29
CE MSE A 44 -4.83 -30.90 5.37
N LYS A 45 -2.20 -33.26 3.94
CA LYS A 45 -1.10 -32.57 3.28
C LYS A 45 -1.54 -31.14 3.00
N VAL A 46 -0.73 -30.19 3.45
CA VAL A 46 -1.03 -28.78 3.24
C VAL A 46 0.04 -28.14 2.36
N ASN A 47 -0.41 -27.29 1.44
CA ASN A 47 0.49 -26.55 0.55
C ASN A 47 0.57 -25.15 1.17
N VAL A 48 1.66 -24.87 1.88
CA VAL A 48 1.81 -23.60 2.57
C VAL A 48 2.88 -22.66 2.01
N HIS A 49 2.64 -21.36 2.13
CA HIS A 49 3.55 -20.33 1.69
C HIS A 49 3.73 -19.34 2.82
N PHE A 50 4.95 -19.18 3.32
CA PHE A 50 5.17 -18.22 4.39
C PHE A 50 5.90 -17.05 3.75
N SER A 51 5.52 -15.82 4.08
CA SER A 51 6.21 -14.69 3.50
C SER A 51 7.53 -14.49 4.24
N GLY A 52 8.48 -13.81 3.59
CA GLY A 52 9.77 -13.57 4.19
C GLY A 52 9.72 -12.78 5.49
N PRO A 53 8.98 -11.67 5.52
CA PRO A 53 8.92 -10.90 6.77
C PRO A 53 8.41 -11.73 7.95
N LEU A 54 7.48 -12.63 7.68
CA LEU A 54 6.90 -13.51 8.71
C LEU A 54 7.94 -14.56 9.13
N LEU A 55 8.58 -15.20 8.14
CA LEU A 55 9.59 -16.21 8.41
C LEU A 55 10.73 -15.61 9.22
N GLU A 56 11.06 -14.35 8.94
CA GLU A 56 12.14 -13.70 9.68
C GLU A 56 11.77 -13.46 11.14
N TRP A 57 10.50 -13.10 11.37
CA TRP A 57 10.00 -12.84 12.71
C TRP A 57 9.96 -14.16 13.46
N ILE A 58 9.45 -15.20 12.80
CA ILE A 58 9.37 -16.53 13.39
C ILE A 58 10.78 -16.99 13.74
N GLU A 59 11.69 -16.91 12.78
CA GLU A 59 13.06 -17.32 13.01
C GLU A 59 13.63 -16.62 14.25
N GLU A 60 13.23 -15.36 14.43
CA GLU A 60 13.70 -14.57 15.57
C GLU A 60 13.03 -14.95 16.91
N ASN A 61 11.72 -14.74 16.98
CA ASN A 61 10.95 -14.99 18.19
C ASN A 61 10.47 -16.40 18.49
N LYS A 62 10.38 -17.26 17.48
CA LYS A 62 9.89 -18.60 17.74
C LYS A 62 10.54 -19.69 16.89
N PRO A 63 11.84 -19.92 17.10
CA PRO A 63 12.70 -20.89 16.42
C PRO A 63 12.13 -22.31 16.37
N ASP A 64 11.58 -22.75 17.50
CA ASP A 64 11.01 -24.08 17.60
C ASP A 64 9.98 -24.34 16.51
N TYR A 65 9.31 -23.27 16.07
CA TYR A 65 8.30 -23.41 15.03
C TYR A 65 8.92 -23.88 13.73
N LEU A 66 10.08 -23.34 13.39
CA LEU A 66 10.74 -23.74 12.16
C LEU A 66 11.10 -25.22 12.18
N ASP A 67 11.24 -25.78 13.37
CA ASP A 67 11.55 -27.20 13.49
C ASP A 67 10.31 -28.04 13.26
N LEU A 68 9.16 -27.50 13.64
CA LEU A 68 7.91 -28.20 13.44
C LEU A 68 7.68 -28.32 11.94
N LEU A 69 8.14 -27.30 11.22
CA LEU A 69 8.01 -27.29 9.77
C LEU A 69 8.94 -28.33 9.13
N ARG A 70 10.23 -28.30 9.47
CA ARG A 70 11.15 -29.28 8.89
C ARG A 70 10.60 -30.68 9.13
N SER A 71 9.98 -30.86 10.30
CA SER A 71 9.39 -32.13 10.68
C SER A 71 8.30 -32.56 9.71
N LEU A 72 7.28 -31.71 9.56
CA LEU A 72 6.14 -31.96 8.68
C LEU A 72 6.54 -32.10 7.22
N ILE A 73 7.53 -31.33 6.79
CA ILE A 73 8.01 -31.41 5.43
C ILE A 73 8.61 -32.81 5.30
N LYS A 74 9.46 -33.16 6.27
CA LYS A 74 10.12 -34.45 6.28
C LYS A 74 9.16 -35.64 6.33
N ARG A 75 7.97 -35.41 6.86
CA ARG A 75 6.99 -36.49 6.93
C ARG A 75 5.89 -36.27 5.89
N GLY A 76 6.29 -35.64 4.78
CA GLY A 76 5.40 -35.37 3.66
C GLY A 76 4.06 -34.71 3.90
N GLN A 77 3.96 -33.80 4.87
CA GLN A 77 2.69 -33.13 5.14
C GLN A 77 2.66 -31.70 4.57
N LEU A 78 3.81 -31.21 4.14
CA LEU A 78 3.89 -29.86 3.60
C LEU A 78 4.73 -29.76 2.33
N GLU A 79 4.31 -28.85 1.45
CA GLU A 79 5.04 -28.51 0.22
C GLU A 79 5.20 -27.00 0.40
N ILE A 80 6.43 -26.51 0.40
CA ILE A 80 6.64 -25.08 0.57
C ILE A 80 6.39 -24.36 -0.74
N VAL A 81 5.48 -23.39 -0.68
CA VAL A 81 5.13 -22.56 -1.83
C VAL A 81 5.93 -21.30 -1.61
N VAL A 82 6.55 -20.81 -2.67
CA VAL A 82 7.41 -19.63 -2.56
C VAL A 82 6.85 -18.40 -3.30
N ALA A 83 7.62 -17.32 -3.32
CA ALA A 83 7.23 -16.08 -4.00
C ALA A 83 8.35 -15.07 -3.74
N GLY A 84 8.08 -13.79 -3.99
CA GLY A 84 9.09 -12.78 -3.74
C GLY A 84 9.28 -12.73 -2.25
N PHE A 85 10.51 -12.84 -1.77
CA PHE A 85 10.77 -12.84 -0.34
C PHE A 85 9.95 -11.83 0.48
N TYR A 86 10.00 -10.56 0.07
CA TYR A 86 9.29 -9.51 0.81
C TYR A 86 7.86 -9.18 0.38
N GLU A 87 7.16 -10.17 -0.17
CA GLU A 87 5.80 -10.01 -0.65
C GLU A 87 5.61 -8.80 -1.57
N PRO A 88 6.40 -8.72 -2.64
CA PRO A 88 6.17 -7.56 -3.49
C PRO A 88 5.15 -8.04 -4.53
N VAL A 89 4.54 -7.10 -5.24
CA VAL A 89 3.63 -7.49 -6.29
C VAL A 89 4.61 -7.65 -7.44
N LEU A 90 4.91 -8.92 -7.75
CA LEU A 90 5.85 -9.28 -8.79
C LEU A 90 5.74 -8.42 -10.03
N ALA A 91 4.53 -8.11 -10.46
CA ALA A 91 4.39 -7.31 -11.67
C ALA A 91 4.75 -5.83 -11.48
N ALA A 92 4.90 -5.38 -10.25
CA ALA A 92 5.20 -3.97 -10.01
C ALA A 92 6.64 -3.64 -9.61
N ILE A 93 7.54 -4.62 -9.66
CA ILE A 93 8.95 -4.37 -9.35
C ILE A 93 9.78 -4.81 -10.55
N PRO A 94 10.96 -4.18 -10.76
CA PRO A 94 11.86 -4.49 -11.87
C PRO A 94 12.14 -5.99 -12.08
N LYS A 95 12.24 -6.38 -13.35
CA LYS A 95 12.50 -7.77 -13.75
C LYS A 95 13.66 -8.39 -12.96
N GLU A 96 14.74 -7.63 -12.79
CA GLU A 96 15.91 -8.12 -12.07
C GLU A 96 15.68 -8.29 -10.58
N ASP A 97 14.72 -7.54 -10.03
CA ASP A 97 14.42 -7.66 -8.61
C ASP A 97 13.57 -8.88 -8.29
N ARG A 98 12.75 -9.31 -9.26
CA ARG A 98 11.92 -10.48 -9.05
C ARG A 98 12.82 -11.66 -8.80
N LEU A 99 13.74 -11.91 -9.75
CA LEU A 99 14.68 -13.01 -9.66
C LEU A 99 15.29 -13.08 -8.27
N VAL A 100 15.80 -11.97 -7.78
CA VAL A 100 16.40 -11.95 -6.46
C VAL A 100 15.35 -12.24 -5.41
N GLN A 101 14.24 -11.48 -5.44
CA GLN A 101 13.15 -11.66 -4.47
C GLN A 101 12.71 -13.13 -4.40
N ILE A 102 12.37 -13.73 -5.53
CA ILE A 102 11.96 -15.13 -5.53
C ILE A 102 13.08 -16.04 -5.00
N GLU A 103 14.27 -15.93 -5.59
CA GLU A 103 15.43 -16.72 -5.18
C GLU A 103 15.74 -16.64 -3.68
N MSE A 104 15.51 -15.49 -3.06
CA MSE A 104 15.77 -15.41 -1.63
C MSE A 104 14.83 -16.35 -0.88
O MSE A 104 15.27 -17.10 -0.02
CB MSE A 104 15.59 -14.00 -1.14
CG MSE A 104 16.75 -13.12 -1.47
SE MSE A 104 16.33 -11.35 -0.91
CE MSE A 104 16.01 -11.65 0.96
N LEU A 105 13.54 -16.32 -1.19
CA LEU A 105 12.60 -17.18 -0.50
C LEU A 105 12.83 -18.62 -0.93
N LYS A 106 13.19 -18.80 -2.20
CA LYS A 106 13.45 -20.13 -2.73
C LYS A 106 14.60 -20.77 -1.95
N ASP A 107 15.51 -19.93 -1.47
CA ASP A 107 16.66 -20.39 -0.71
C ASP A 107 16.29 -20.68 0.74
N TYR A 108 15.31 -19.96 1.25
CA TYR A 108 14.89 -20.17 2.62
C TYR A 108 14.24 -21.54 2.69
N ALA A 109 13.33 -21.80 1.76
CA ALA A 109 12.63 -23.08 1.70
C ALA A 109 13.64 -24.22 1.65
N ARG A 110 14.69 -24.05 0.86
CA ARG A 110 15.71 -25.10 0.77
C ARG A 110 16.31 -25.36 2.14
N LYS A 111 16.62 -24.29 2.88
CA LYS A 111 17.18 -24.45 4.21
C LYS A 111 16.16 -25.08 5.16
N LEU A 112 14.89 -25.08 4.75
CA LEU A 112 13.85 -25.68 5.58
C LEU A 112 13.74 -27.13 5.16
N GLY A 113 14.42 -27.48 4.06
CA GLY A 113 14.42 -28.84 3.58
C GLY A 113 13.59 -29.15 2.35
N TYR A 114 12.89 -28.17 1.79
CA TYR A 114 12.07 -28.42 0.61
C TYR A 114 12.61 -27.73 -0.64
N ASP A 115 12.39 -28.34 -1.80
CA ASP A 115 12.82 -27.75 -3.06
C ASP A 115 11.54 -27.22 -3.71
N ALA A 116 11.22 -25.96 -3.42
CA ALA A 116 10.01 -25.33 -3.94
C ALA A 116 9.96 -25.29 -5.46
N LYS A 117 8.79 -25.59 -5.99
CA LYS A 117 8.57 -25.58 -7.44
C LYS A 117 7.37 -24.71 -7.79
N GLY A 118 6.70 -24.18 -6.77
CA GLY A 118 5.55 -23.34 -7.03
C GLY A 118 5.59 -21.97 -6.38
N VAL A 119 4.87 -21.03 -6.96
CA VAL A 119 4.83 -19.69 -6.44
C VAL A 119 3.42 -19.13 -6.18
N TRP A 120 3.20 -18.61 -4.98
CA TRP A 120 1.93 -17.98 -4.65
C TRP A 120 2.02 -16.57 -5.23
N LEU A 121 1.15 -16.26 -6.18
CA LEU A 121 1.17 -14.94 -6.76
C LEU A 121 0.62 -13.97 -5.71
N THR A 122 1.47 -13.07 -5.23
CA THR A 122 1.02 -12.10 -4.23
C THR A 122 -0.16 -11.28 -4.76
N GLU A 123 -1.23 -11.24 -3.96
CA GLU A 123 -2.44 -10.52 -4.31
C GLU A 123 -2.96 -10.95 -5.67
N ARG A 124 -2.57 -12.15 -6.08
CA ARG A 124 -2.96 -12.70 -7.37
C ARG A 124 -2.99 -11.73 -8.55
N VAL A 125 -2.15 -10.69 -8.47
CA VAL A 125 -2.03 -9.74 -9.56
C VAL A 125 -1.22 -10.45 -10.65
N TRP A 126 -1.80 -10.58 -11.83
CA TRP A 126 -1.13 -11.26 -12.90
C TRP A 126 -0.98 -10.45 -14.17
N GLN A 127 0.18 -10.58 -14.81
CA GLN A 127 0.47 -9.91 -16.07
C GLN A 127 1.30 -10.90 -16.89
N PRO A 128 0.91 -11.11 -18.15
CA PRO A 128 1.56 -12.02 -19.10
C PRO A 128 3.01 -11.65 -19.34
N GLU A 129 3.85 -11.83 -18.33
CA GLU A 129 5.25 -11.45 -18.48
C GLU A 129 5.98 -12.00 -17.28
N LEU A 130 5.22 -12.45 -16.30
CA LEU A 130 5.82 -13.02 -15.11
C LEU A 130 6.29 -14.42 -15.51
N VAL A 131 5.81 -14.88 -16.67
CA VAL A 131 6.17 -16.19 -17.15
C VAL A 131 7.69 -16.30 -17.26
N LYS A 132 8.30 -15.36 -17.99
CA LYS A 132 9.75 -15.33 -18.17
C LYS A 132 10.47 -15.35 -16.82
N SER A 133 10.07 -14.48 -15.91
CA SER A 133 10.71 -14.39 -14.59
C SER A 133 10.59 -15.70 -13.82
N LEU A 134 9.36 -16.15 -13.65
CA LEU A 134 9.08 -17.38 -12.94
C LEU A 134 9.92 -18.55 -13.49
N ARG A 135 10.05 -18.60 -14.81
CA ARG A 135 10.82 -19.66 -15.46
C ARG A 135 12.30 -19.59 -15.14
N GLU A 136 12.84 -18.38 -15.15
CA GLU A 136 14.25 -18.17 -14.87
C GLU A 136 14.49 -18.44 -13.40
N ALA A 137 13.45 -18.27 -12.60
CA ALA A 137 13.56 -18.52 -11.17
C ALA A 137 13.46 -20.00 -10.91
N GLY A 138 13.26 -20.78 -11.96
CA GLY A 138 13.14 -22.21 -11.80
C GLY A 138 11.81 -22.64 -11.25
N ILE A 139 10.79 -21.79 -11.39
CA ILE A 139 9.46 -22.11 -10.88
C ILE A 139 8.66 -22.83 -11.95
N GLU A 140 7.87 -23.82 -11.55
CA GLU A 140 7.09 -24.59 -12.52
C GLU A 140 5.60 -24.31 -12.60
N TYR A 141 5.00 -23.83 -11.52
CA TYR A 141 3.58 -23.52 -11.54
C TYR A 141 3.28 -22.34 -10.65
N VAL A 142 2.23 -21.60 -11.01
CA VAL A 142 1.76 -20.45 -10.24
C VAL A 142 0.34 -20.74 -9.83
N VAL A 143 -0.06 -20.19 -8.70
CA VAL A 143 -1.41 -20.36 -8.19
C VAL A 143 -2.15 -19.06 -8.44
N VAL A 144 -3.22 -19.15 -9.20
CA VAL A 144 -4.00 -17.98 -9.54
C VAL A 144 -5.46 -18.32 -9.22
N ASP A 145 -6.37 -17.37 -9.43
CA ASP A 145 -7.80 -17.55 -9.16
C ASP A 145 -8.61 -18.07 -10.36
N ASP A 146 -9.65 -18.85 -10.07
CA ASP A 146 -10.54 -19.39 -11.11
C ASP A 146 -11.08 -18.19 -11.89
N TYR A 147 -11.27 -17.09 -11.18
CA TYR A 147 -11.75 -15.86 -11.76
C TYR A 147 -10.86 -15.59 -12.96
N HIS A 148 -9.56 -15.57 -12.71
CA HIS A 148 -8.58 -15.31 -13.76
C HIS A 148 -8.90 -16.02 -15.05
N PHE A 149 -9.23 -17.31 -14.98
CA PHE A 149 -9.56 -18.07 -16.18
C PHE A 149 -10.88 -17.62 -16.78
N MSE A 150 -11.82 -17.21 -15.94
CA MSE A 150 -13.11 -16.75 -16.44
C MSE A 150 -12.91 -15.53 -17.34
O MSE A 150 -13.31 -15.54 -18.50
CB MSE A 150 -14.03 -16.44 -15.26
CG MSE A 150 -14.59 -17.69 -14.61
SE MSE A 150 -15.24 -17.42 -12.81
CE MSE A 150 -16.33 -15.86 -13.10
N SER A 151 -12.28 -14.49 -16.80
CA SER A 151 -12.01 -13.25 -17.55
C SER A 151 -11.30 -13.51 -18.88
N ALA A 152 -10.95 -14.77 -19.14
CA ALA A 152 -10.25 -15.12 -20.37
C ALA A 152 -11.18 -15.69 -21.43
N GLY A 153 -12.19 -16.43 -21.01
CA GLY A 153 -13.11 -17.00 -21.97
C GLY A 153 -13.66 -18.35 -21.55
N LEU A 154 -13.10 -18.92 -20.49
CA LEU A 154 -13.59 -20.21 -20.02
C LEU A 154 -14.78 -20.03 -19.08
N SER A 155 -15.34 -21.15 -18.64
CA SER A 155 -16.49 -21.17 -17.74
C SER A 155 -16.17 -22.05 -16.54
N LYS A 156 -16.60 -21.64 -15.36
CA LYS A 156 -16.36 -22.39 -14.13
C LYS A 156 -16.34 -23.90 -14.37
N GLU A 157 -17.22 -24.35 -15.26
CA GLU A 157 -17.33 -25.76 -15.61
C GLU A 157 -16.03 -26.39 -16.09
N GLU A 158 -15.21 -25.60 -16.77
CA GLU A 158 -13.95 -26.11 -17.28
C GLU A 158 -12.75 -25.48 -16.57
N LEU A 159 -12.85 -25.36 -15.26
CA LEU A 159 -11.79 -24.77 -14.46
C LEU A 159 -11.38 -25.72 -13.34
N PHE A 160 -11.46 -27.02 -13.61
CA PHE A 160 -11.09 -28.00 -12.60
C PHE A 160 -9.88 -28.81 -12.97
N TRP A 161 -8.94 -28.15 -13.65
CA TRP A 161 -7.67 -28.75 -14.07
C TRP A 161 -6.69 -27.59 -14.20
N PRO A 162 -5.38 -27.88 -14.12
CA PRO A 162 -4.40 -26.79 -14.25
C PRO A 162 -4.12 -26.60 -15.73
N TYR A 163 -3.86 -25.37 -16.14
CA TYR A 163 -3.56 -25.11 -17.55
C TYR A 163 -2.15 -24.60 -17.76
N TYR A 164 -1.81 -24.45 -19.04
CA TYR A 164 -0.53 -23.94 -19.48
C TYR A 164 -0.83 -22.54 -20.00
N THR A 165 0.02 -21.59 -19.63
CA THR A 165 -0.14 -20.22 -20.14
C THR A 165 1.26 -19.83 -20.64
N GLU A 166 1.35 -19.07 -21.72
CA GLU A 166 2.67 -18.73 -22.22
C GLU A 166 2.91 -17.26 -22.54
N ASP A 167 4.17 -16.96 -22.76
CA ASP A 167 4.62 -15.63 -23.11
C ASP A 167 6.09 -15.76 -23.47
N GLY A 168 6.48 -15.15 -24.57
CA GLY A 168 7.84 -15.36 -25.01
C GLY A 168 7.56 -16.73 -25.58
N GLY A 169 8.48 -17.67 -25.50
CA GLY A 169 8.18 -18.99 -26.02
C GLY A 169 8.05 -19.96 -24.85
N GLU A 170 8.12 -19.44 -23.64
CA GLU A 170 8.05 -20.25 -22.44
C GLU A 170 6.64 -20.38 -21.87
N VAL A 171 6.41 -21.50 -21.20
CA VAL A 171 5.11 -21.78 -20.60
C VAL A 171 5.29 -22.01 -19.12
N ILE A 172 4.18 -21.97 -18.41
CA ILE A 172 4.15 -22.22 -16.99
C ILE A 172 2.76 -22.75 -16.64
N THR A 173 2.70 -23.65 -15.66
CA THR A 173 1.46 -24.22 -15.24
C THR A 173 0.71 -23.30 -14.30
N VAL A 174 -0.57 -23.08 -14.59
CA VAL A 174 -1.39 -22.21 -13.78
C VAL A 174 -2.49 -23.03 -13.11
N PHE A 175 -2.59 -22.90 -11.78
CA PHE A 175 -3.63 -23.60 -11.02
C PHE A 175 -4.68 -22.60 -10.58
N PRO A 176 -5.97 -22.94 -10.74
CA PRO A 176 -7.07 -22.05 -10.36
C PRO A 176 -7.59 -22.24 -8.92
N ILE A 177 -7.95 -21.13 -8.26
CA ILE A 177 -8.47 -21.17 -6.90
C ILE A 177 -9.98 -21.03 -6.93
N ASP A 178 -10.68 -22.13 -6.65
CA ASP A 178 -12.13 -22.14 -6.63
C ASP A 178 -12.65 -21.06 -5.68
N GLU A 179 -13.53 -20.19 -6.17
CA GLU A 179 -14.06 -19.12 -5.31
C GLU A 179 -14.92 -19.71 -4.20
N LYS A 180 -15.60 -20.82 -4.48
CA LYS A 180 -16.44 -21.47 -3.49
C LYS A 180 -15.65 -21.73 -2.23
N LEU A 181 -14.73 -22.68 -2.32
CA LEU A 181 -13.92 -23.08 -1.19
C LEU A 181 -13.44 -21.89 -0.36
N ARG A 182 -12.83 -20.89 -0.99
CA ARG A 182 -12.36 -19.73 -0.22
C ARG A 182 -13.47 -18.99 0.50
N TYR A 183 -14.69 -19.50 0.38
CA TYR A 183 -15.84 -18.92 1.06
C TYR A 183 -16.52 -20.00 1.88
N LEU A 184 -16.31 -21.25 1.50
CA LEU A 184 -16.83 -22.39 2.24
C LEU A 184 -15.88 -22.55 3.43
N ILE A 185 -14.64 -22.95 3.13
CA ILE A 185 -13.60 -23.14 4.14
C ILE A 185 -13.12 -21.80 4.67
N PRO A 186 -13.25 -21.56 5.98
CA PRO A 186 -13.82 -22.42 7.04
C PRO A 186 -15.30 -22.09 7.36
N PHE A 187 -16.15 -23.13 7.34
CA PHE A 187 -17.59 -22.98 7.62
C PHE A 187 -18.39 -24.28 7.39
N ARG A 188 -18.55 -25.05 8.47
CA ARG A 188 -19.30 -26.32 8.48
C ARG A 188 -19.05 -27.23 7.28
N PRO A 189 -18.13 -28.21 7.39
CA PRO A 189 -17.84 -29.10 6.26
C PRO A 189 -18.99 -29.35 5.27
N VAL A 190 -19.15 -28.40 4.35
CA VAL A 190 -20.16 -28.48 3.30
C VAL A 190 -19.33 -28.83 2.07
N LYS A 191 -18.03 -28.54 2.17
CA LYS A 191 -17.08 -28.81 1.11
C LYS A 191 -17.18 -30.29 0.75
N LYS A 192 -17.56 -31.08 1.74
CA LYS A 192 -17.72 -32.51 1.54
C LYS A 192 -18.72 -32.73 0.41
N THR A 193 -19.70 -31.84 0.35
CA THR A 193 -20.73 -31.90 -0.68
C THR A 193 -20.18 -31.40 -2.01
N ILE A 194 -19.67 -30.17 -2.04
CA ILE A 194 -19.10 -29.63 -3.27
C ILE A 194 -18.09 -30.64 -3.79
N GLU A 195 -17.21 -31.11 -2.90
CA GLU A 195 -16.22 -32.10 -3.25
C GLU A 195 -16.91 -33.35 -3.76
N TYR A 196 -17.89 -33.84 -3.00
CA TYR A 196 -18.64 -35.03 -3.42
C TYR A 196 -19.17 -34.75 -4.82
N LEU A 197 -19.86 -33.61 -4.96
CA LEU A 197 -20.45 -33.21 -6.23
C LEU A 197 -19.41 -32.78 -7.26
N GLU A 198 -18.27 -33.47 -7.27
CA GLU A 198 -17.21 -33.17 -8.22
C GLU A 198 -17.04 -34.37 -9.16
N SER A 199 -17.59 -35.51 -8.73
CA SER A 199 -17.56 -36.75 -9.51
C SER A 199 -16.20 -37.24 -9.99
N LEU A 200 -16.17 -37.67 -11.25
CA LEU A 200 -14.98 -38.20 -11.88
C LEU A 200 -15.03 -37.96 -13.39
N SER A 206 -7.90 -36.82 -14.29
CA SER A 206 -7.30 -35.61 -13.75
C SER A 206 -8.25 -34.94 -12.77
N LYS A 207 -8.82 -33.80 -13.18
CA LYS A 207 -9.75 -33.01 -12.38
C LYS A 207 -9.39 -32.82 -10.91
N VAL A 208 -9.26 -31.57 -10.51
CA VAL A 208 -8.91 -31.24 -9.15
C VAL A 208 -9.85 -30.19 -8.61
N ALA A 209 -9.70 -29.96 -7.32
CA ALA A 209 -10.45 -28.95 -6.59
C ALA A 209 -9.31 -28.32 -5.81
N VAL A 210 -9.09 -27.03 -6.01
CA VAL A 210 -8.00 -26.38 -5.32
C VAL A 210 -8.47 -25.28 -4.41
N PHE A 211 -8.00 -25.35 -3.18
CA PHE A 211 -8.34 -24.35 -2.21
C PHE A 211 -7.03 -23.76 -1.75
N HIS A 212 -6.94 -22.44 -1.82
CA HIS A 212 -5.75 -21.75 -1.36
C HIS A 212 -6.16 -20.36 -0.89
N ASP A 213 -5.90 -20.05 0.38
CA ASP A 213 -6.27 -18.76 0.94
C ASP A 213 -5.41 -18.34 2.13
N ASP A 214 -5.63 -17.13 2.61
CA ASP A 214 -4.90 -16.61 3.76
C ASP A 214 -5.06 -17.57 4.92
N GLY A 215 -4.01 -17.74 5.70
CA GLY A 215 -4.07 -18.63 6.85
C GLY A 215 -4.67 -17.91 8.04
N GLU A 216 -4.63 -16.58 7.99
CA GLU A 216 -5.19 -15.74 9.06
C GLU A 216 -6.68 -16.09 9.22
N LYS A 217 -7.28 -16.65 8.17
CA LYS A 217 -8.68 -17.05 8.23
C LYS A 217 -8.84 -18.10 9.31
N PHE A 218 -7.80 -18.92 9.50
CA PHE A 218 -7.84 -19.97 10.50
C PHE A 218 -7.45 -19.53 11.90
N GLY A 219 -8.16 -18.54 12.44
CA GLY A 219 -7.87 -18.11 13.80
C GLY A 219 -7.63 -16.64 14.11
N VAL A 220 -7.23 -15.86 13.13
CA VAL A 220 -6.96 -14.45 13.42
C VAL A 220 -8.10 -13.52 13.04
N TRP A 221 -8.82 -13.86 11.98
CA TRP A 221 -9.93 -13.04 11.52
C TRP A 221 -10.99 -12.87 12.62
N PRO A 222 -11.96 -11.96 12.42
CA PRO A 222 -13.00 -11.72 13.42
C PRO A 222 -13.65 -12.98 13.99
N GLY A 223 -13.28 -13.30 15.23
CA GLY A 223 -13.81 -14.45 15.92
C GLY A 223 -13.78 -15.75 15.14
N THR A 224 -12.67 -16.05 14.48
CA THR A 224 -12.56 -17.28 13.71
C THR A 224 -11.91 -18.34 14.56
N TYR A 225 -11.64 -17.98 15.82
CA TYR A 225 -10.99 -18.87 16.77
C TYR A 225 -11.98 -19.38 17.82
N TRP A 233 -13.39 -26.80 14.12
CA TRP A 233 -13.80 -27.01 12.74
C TRP A 233 -12.68 -27.70 11.99
N LEU A 234 -11.46 -27.21 12.22
CA LEU A 234 -10.28 -27.74 11.55
C LEU A 234 -10.08 -29.22 11.77
N ARG A 235 -9.89 -29.61 13.03
CA ARG A 235 -9.65 -31.01 13.37
C ARG A 235 -10.67 -31.91 12.70
N GLU A 236 -11.89 -31.41 12.53
CA GLU A 236 -12.95 -32.18 11.89
C GLU A 236 -12.72 -32.23 10.39
N PHE A 237 -12.35 -31.09 9.81
CA PHE A 237 -12.09 -30.99 8.39
C PHE A 237 -10.95 -31.91 7.93
N PHE A 238 -9.95 -32.10 8.80
CA PHE A 238 -8.79 -32.91 8.46
C PHE A 238 -9.03 -34.41 8.25
N ASP A 239 -9.72 -35.09 9.17
CA ASP A 239 -9.96 -36.52 8.98
C ASP A 239 -11.13 -36.71 8.02
N ALA A 240 -12.01 -35.72 7.98
CA ALA A 240 -13.17 -35.75 7.10
C ALA A 240 -12.64 -35.84 5.68
N ILE A 241 -11.63 -35.02 5.39
CA ILE A 241 -11.01 -35.01 4.07
C ILE A 241 -10.20 -36.29 3.90
N THR A 242 -9.33 -36.58 4.87
CA THR A 242 -8.51 -37.78 4.79
C THR A 242 -9.39 -39.03 4.76
N GLU A 245 -12.02 -40.44 2.60
CA GLU A 245 -12.99 -41.13 1.75
C GLU A 245 -12.43 -41.47 0.37
N LYS A 246 -13.14 -41.06 -0.67
CA LYS A 246 -12.72 -41.32 -2.05
C LYS A 246 -12.13 -40.06 -2.65
N ILE A 247 -12.06 -39.01 -1.84
CA ILE A 247 -11.50 -37.72 -2.24
C ILE A 247 -9.98 -37.85 -2.23
N ASN A 248 -9.36 -37.77 -3.40
CA ASN A 248 -7.90 -37.88 -3.48
C ASN A 248 -7.22 -36.52 -3.33
N LEU A 249 -6.76 -36.25 -2.12
CA LEU A 249 -6.10 -35.01 -1.79
C LEU A 249 -4.59 -35.16 -1.88
N MSE A 250 -3.97 -34.35 -2.73
CA MSE A 250 -2.53 -34.39 -2.91
C MSE A 250 -1.94 -32.97 -2.89
O MSE A 250 -2.67 -32.00 -2.68
CB MSE A 250 -2.18 -35.11 -4.22
CG MSE A 250 -2.84 -34.51 -5.47
SE MSE A 250 -3.04 -35.77 -6.93
CE MSE A 250 -1.18 -36.22 -7.22
N THR A 251 -0.64 -32.87 -3.11
CA THR A 251 0.03 -31.59 -3.11
C THR A 251 0.36 -31.17 -4.55
N TYR A 252 0.31 -29.87 -4.84
CA TYR A 252 0.61 -29.38 -6.18
C TYR A 252 1.67 -30.24 -6.88
N SER A 253 2.88 -30.24 -6.32
CA SER A 253 3.97 -31.00 -6.89
C SER A 253 3.57 -32.43 -7.24
N GLU A 254 2.93 -33.11 -6.29
CA GLU A 254 2.48 -34.48 -6.55
C GLU A 254 1.59 -34.56 -7.79
N TYR A 255 0.72 -33.57 -7.96
CA TYR A 255 -0.18 -33.53 -9.11
C TYR A 255 0.58 -33.40 -10.41
N LEU A 256 1.50 -32.44 -10.46
CA LEU A 256 2.30 -32.20 -11.67
C LEU A 256 3.38 -33.25 -11.86
N SER A 257 2.95 -34.50 -11.80
CA SER A 257 3.84 -35.64 -11.98
C SER A 257 2.93 -36.82 -12.31
N LYS A 258 1.68 -36.69 -11.87
CA LYS A 258 0.68 -37.71 -12.12
C LYS A 258 -0.23 -37.27 -13.26
N PHE A 259 -0.12 -35.99 -13.63
CA PHE A 259 -0.92 -35.43 -14.72
C PHE A 259 -0.15 -34.29 -15.41
N THR A 260 -0.70 -33.83 -16.54
CA THR A 260 -0.15 -32.70 -17.29
C THR A 260 -1.29 -31.70 -17.41
N PRO A 261 -0.99 -30.40 -17.42
CA PRO A 261 -2.04 -29.38 -17.52
C PRO A 261 -3.07 -29.66 -18.63
N ARG A 262 -4.23 -29.02 -18.53
CA ARG A 262 -5.28 -29.18 -19.52
C ARG A 262 -4.69 -28.91 -20.90
N GLY A 263 -4.58 -27.62 -21.20
CA GLY A 263 -4.04 -27.19 -22.48
C GLY A 263 -3.61 -25.76 -22.30
N LEU A 264 -3.13 -25.13 -23.36
CA LEU A 264 -2.69 -23.75 -23.30
C LEU A 264 -3.88 -22.78 -23.30
N VAL A 265 -3.79 -21.75 -22.48
CA VAL A 265 -4.82 -20.73 -22.41
C VAL A 265 -4.11 -19.45 -21.99
N TYR A 266 -4.52 -18.31 -22.54
CA TYR A 266 -3.89 -17.03 -22.19
C TYR A 266 -4.74 -16.22 -21.22
N LEU A 267 -4.12 -15.81 -20.10
CA LEU A 267 -4.80 -15.04 -19.07
C LEU A 267 -4.72 -13.53 -19.23
N PRO A 268 -5.73 -12.80 -18.72
CA PRO A 268 -5.76 -11.33 -18.80
C PRO A 268 -5.22 -10.72 -17.52
N ILE A 269 -4.91 -9.43 -17.57
CA ILE A 269 -4.41 -8.77 -16.38
C ILE A 269 -5.52 -8.68 -15.35
N ALA A 270 -5.62 -9.68 -14.48
CA ALA A 270 -6.65 -9.65 -13.45
C ALA A 270 -6.06 -9.91 -12.08
N SER A 271 -6.93 -10.25 -11.14
CA SER A 271 -6.57 -10.51 -9.75
C SER A 271 -7.79 -11.29 -9.24
N TYR A 272 -7.99 -11.39 -7.94
CA TYR A 272 -9.18 -12.08 -7.46
C TYR A 272 -10.35 -11.09 -7.62
N PHE A 273 -11.56 -11.62 -7.77
CA PHE A 273 -12.75 -10.79 -7.98
C PHE A 273 -12.89 -9.48 -7.20
N GLU A 274 -12.72 -9.53 -5.88
CA GLU A 274 -12.86 -8.33 -5.05
C GLU A 274 -11.89 -7.18 -5.37
N MSE A 275 -10.78 -7.49 -6.03
CA MSE A 275 -9.84 -6.45 -6.40
C MSE A 275 -10.52 -5.51 -7.40
O MSE A 275 -10.31 -4.31 -7.38
CB MSE A 275 -8.58 -7.05 -7.04
CG MSE A 275 -7.45 -7.30 -6.06
SE MSE A 275 -6.72 -5.67 -5.34
CE MSE A 275 -6.81 -4.65 -6.97
N SER A 276 -11.32 -6.09 -8.28
CA SER A 276 -12.04 -5.33 -9.31
C SER A 276 -12.73 -4.08 -8.77
N GLU A 277 -13.23 -4.14 -7.54
CA GLU A 277 -13.90 -2.97 -7.00
C GLU A 277 -12.94 -2.00 -6.34
N TRP A 278 -12.09 -2.51 -5.44
CA TRP A 278 -11.13 -1.65 -4.75
C TRP A 278 -10.20 -0.89 -5.70
N SER A 279 -9.68 -1.59 -6.70
CA SER A 279 -8.77 -0.98 -7.67
C SER A 279 -9.39 0.11 -8.51
N LEU A 280 -10.71 0.29 -8.44
CA LEU A 280 -11.36 1.32 -9.25
C LEU A 280 -11.31 2.66 -8.54
N PRO A 281 -11.32 3.75 -9.30
CA PRO A 281 -11.28 5.01 -8.54
C PRO A 281 -12.64 5.15 -7.84
N ALA A 282 -12.63 5.77 -6.66
CA ALA A 282 -13.83 5.98 -5.83
C ALA A 282 -15.19 5.92 -6.52
N LYS A 283 -15.45 6.87 -7.40
CA LYS A 283 -16.73 6.92 -8.12
C LYS A 283 -17.06 5.64 -8.90
N GLN A 284 -16.08 5.10 -9.59
CA GLN A 284 -16.28 3.90 -10.39
C GLN A 284 -16.48 2.70 -9.46
N ALA A 285 -15.88 2.76 -8.28
CA ALA A 285 -16.02 1.68 -7.33
C ALA A 285 -17.48 1.66 -6.87
N LYS A 286 -18.00 2.84 -6.53
CA LYS A 286 -19.39 2.95 -6.11
C LYS A 286 -20.27 2.38 -7.22
N LEU A 287 -20.12 2.94 -8.42
CA LEU A 287 -20.88 2.52 -9.58
C LEU A 287 -20.84 1.01 -9.79
N PHE A 288 -19.64 0.44 -9.69
CA PHE A 288 -19.45 -1.00 -9.88
C PHE A 288 -20.20 -1.83 -8.86
N VAL A 289 -20.15 -1.42 -7.59
CA VAL A 289 -20.82 -2.18 -6.55
C VAL A 289 -22.31 -2.29 -6.81
N GLU A 290 -22.96 -1.17 -7.09
CA GLU A 290 -24.39 -1.23 -7.36
C GLU A 290 -24.70 -2.07 -8.59
N PHE A 291 -23.85 -1.98 -9.60
CA PHE A 291 -24.04 -2.77 -10.81
C PHE A 291 -24.01 -4.26 -10.47
N VAL A 292 -23.21 -4.64 -9.50
CA VAL A 292 -23.12 -6.04 -9.09
C VAL A 292 -24.31 -6.36 -8.18
N GLU A 293 -24.71 -5.39 -7.37
CA GLU A 293 -25.85 -5.61 -6.49
C GLU A 293 -27.07 -5.80 -7.38
N GLN A 294 -27.26 -4.88 -8.32
CA GLN A 294 -28.38 -4.95 -9.27
C GLN A 294 -28.48 -6.27 -10.04
N LEU A 295 -27.37 -6.74 -10.59
CA LEU A 295 -27.40 -8.00 -11.33
C LEU A 295 -27.85 -9.10 -10.38
N LYS A 296 -27.29 -9.12 -9.18
CA LYS A 296 -27.65 -10.13 -8.19
C LYS A 296 -29.14 -10.07 -7.87
N GLU A 297 -29.62 -8.88 -7.52
CA GLU A 297 -31.04 -8.69 -7.18
C GLU A 297 -31.92 -9.32 -8.27
N GLU A 298 -31.60 -9.03 -9.52
CA GLU A 298 -32.36 -9.56 -10.67
C GLU A 298 -31.92 -10.99 -10.99
N GLY A 299 -31.27 -11.64 -10.04
CA GLY A 299 -30.80 -13.00 -10.23
C GLY A 299 -30.20 -13.33 -11.58
N LYS A 300 -29.37 -12.44 -12.10
CA LYS A 300 -28.73 -12.64 -13.41
C LYS A 300 -27.20 -12.56 -13.33
N PHE A 301 -26.69 -12.29 -12.12
CA PHE A 301 -25.25 -12.18 -11.88
C PHE A 301 -24.52 -13.53 -12.02
N GLU A 302 -25.21 -14.62 -11.74
CA GLU A 302 -24.61 -15.94 -11.82
C GLU A 302 -24.39 -16.46 -13.24
N LYS A 303 -25.18 -15.96 -14.19
CA LYS A 303 -25.06 -16.41 -15.57
C LYS A 303 -24.21 -15.46 -16.41
N TYR A 304 -23.98 -14.27 -15.89
CA TYR A 304 -23.23 -13.27 -16.63
C TYR A 304 -21.94 -12.80 -15.99
N ARG A 305 -21.74 -13.12 -14.71
CA ARG A 305 -20.55 -12.67 -14.00
C ARG A 305 -19.27 -12.72 -14.85
N VAL A 306 -19.10 -13.85 -15.52
CA VAL A 306 -17.95 -14.09 -16.38
C VAL A 306 -17.63 -12.85 -17.23
N PHE A 307 -18.62 -11.98 -17.44
CA PHE A 307 -18.45 -10.79 -18.26
C PHE A 307 -18.50 -9.49 -17.46
N VAL A 308 -18.37 -9.60 -16.14
CA VAL A 308 -18.40 -8.44 -15.25
C VAL A 308 -17.02 -8.24 -14.66
N ARG A 309 -16.41 -7.08 -14.92
CA ARG A 309 -15.09 -6.81 -14.38
C ARG A 309 -14.88 -5.34 -14.01
N GLY A 310 -13.98 -5.11 -13.06
CA GLY A 310 -13.71 -3.75 -12.62
C GLY A 310 -12.33 -3.24 -13.01
N GLY A 311 -11.58 -2.76 -12.03
CA GLY A 311 -10.26 -2.24 -12.32
C GLY A 311 -9.11 -3.23 -12.19
N ILE A 312 -7.89 -2.74 -12.33
CA ILE A 312 -6.71 -3.58 -12.21
C ILE A 312 -5.80 -3.00 -11.12
N TRP A 313 -5.19 -3.89 -10.35
CA TRP A 313 -4.31 -3.50 -9.24
C TRP A 313 -3.42 -2.30 -9.56
N LYS A 314 -2.68 -2.40 -10.65
CA LYS A 314 -1.76 -1.37 -11.07
C LYS A 314 -2.34 0.05 -11.00
N ASN A 315 -3.66 0.17 -11.08
CA ASN A 315 -4.26 1.49 -11.06
C ASN A 315 -4.44 2.13 -9.70
N PHE A 316 -3.87 1.50 -8.67
CA PHE A 316 -3.91 2.10 -7.35
C PHE A 316 -2.89 3.24 -7.41
N PHE A 317 -1.94 3.16 -8.35
CA PHE A 317 -0.93 4.20 -8.50
C PHE A 317 -1.63 5.41 -9.11
N PHE A 318 -2.80 5.15 -9.68
CA PHE A 318 -3.62 6.21 -10.26
C PHE A 318 -4.54 6.75 -9.17
N LYS A 319 -5.13 5.84 -8.41
CA LYS A 319 -6.07 6.17 -7.34
C LYS A 319 -5.40 6.89 -6.16
N TYR A 320 -4.24 6.41 -5.73
CA TYR A 320 -3.52 7.05 -4.65
C TYR A 320 -2.18 7.61 -5.16
N PRO A 321 -2.14 8.91 -5.47
CA PRO A 321 -0.94 9.58 -5.96
C PRO A 321 0.27 9.32 -5.08
N GLU A 322 0.07 9.44 -3.77
CA GLU A 322 1.13 9.24 -2.80
C GLU A 322 1.72 7.85 -2.94
N SER A 323 0.92 6.90 -3.37
CA SER A 323 1.44 5.56 -3.55
C SER A 323 2.30 5.51 -4.81
N ASN A 324 1.87 6.22 -5.85
CA ASN A 324 2.57 6.26 -7.11
C ASN A 324 3.95 6.91 -6.92
N PHE A 325 4.00 8.02 -6.19
CA PHE A 325 5.27 8.71 -5.98
C PHE A 325 6.22 7.78 -5.26
N MSE A 326 5.72 7.17 -4.21
CA MSE A 326 6.51 6.26 -3.40
C MSE A 326 7.05 5.10 -4.27
O MSE A 326 8.20 4.68 -4.14
CB MSE A 326 5.63 5.72 -2.27
CG MSE A 326 6.37 5.00 -1.19
SE MSE A 326 5.17 4.57 0.24
CE MSE A 326 4.10 3.20 -0.62
N HIS A 327 6.22 4.63 -5.18
CA HIS A 327 6.57 3.53 -6.07
C HIS A 327 7.59 3.92 -7.13
N LYS A 328 7.45 5.13 -7.68
CA LYS A 328 8.36 5.59 -8.73
C LYS A 328 9.69 6.00 -8.12
N ARG A 329 9.67 6.42 -6.85
CA ARG A 329 10.91 6.80 -6.19
C ARG A 329 11.73 5.55 -5.88
N MSE A 330 11.07 4.45 -5.52
CA MSE A 330 11.84 3.26 -5.22
C MSE A 330 12.34 2.65 -6.52
O MSE A 330 13.38 1.97 -6.53
CB MSE A 330 11.01 2.27 -4.38
CG MSE A 330 9.99 1.44 -5.12
SE MSE A 330 10.76 -0.13 -5.97
CE MSE A 330 11.84 -0.69 -4.49
N LEU A 331 11.65 2.90 -7.64
CA LEU A 331 12.10 2.34 -8.90
C LEU A 331 13.42 3.00 -9.31
N MSE A 332 13.50 4.32 -9.16
CA MSE A 332 14.72 5.07 -9.48
C MSE A 332 15.87 4.52 -8.65
O MSE A 332 16.97 4.26 -9.18
CB MSE A 332 14.57 6.52 -9.11
CG MSE A 332 13.82 7.38 -10.07
SE MSE A 332 13.69 9.13 -9.26
CE MSE A 332 15.35 9.14 -8.24
N VAL A 333 15.63 4.37 -7.34
CA VAL A 333 16.63 3.88 -6.40
C VAL A 333 17.02 2.43 -6.62
N SER A 334 16.05 1.61 -7.02
CA SER A 334 16.32 0.20 -7.26
C SER A 334 17.35 0.03 -8.36
N LYS A 335 17.28 0.91 -9.35
CA LYS A 335 18.19 0.88 -10.48
C LYS A 335 19.56 1.43 -10.10
N ALA A 336 19.56 2.50 -9.33
CA ALA A 336 20.78 3.15 -8.89
C ALA A 336 21.55 2.29 -7.89
N VAL A 337 20.88 1.29 -7.35
CA VAL A 337 21.47 0.45 -6.33
C VAL A 337 21.52 -1.03 -6.69
N ARG A 338 21.20 -1.33 -7.93
CA ARG A 338 21.18 -2.71 -8.40
C ARG A 338 22.39 -3.59 -8.08
N ASP A 339 23.60 -3.08 -8.30
CA ASP A 339 24.79 -3.88 -8.04
C ASP A 339 25.41 -3.64 -6.69
N ASN A 340 24.71 -2.89 -5.84
CA ASN A 340 25.16 -2.57 -4.49
C ASN A 340 24.43 -3.50 -3.52
N PRO A 341 25.02 -4.67 -3.21
CA PRO A 341 24.38 -5.63 -2.31
C PRO A 341 23.77 -5.13 -1.01
N GLU A 342 24.46 -4.28 -0.26
CA GLU A 342 23.91 -3.76 0.99
C GLU A 342 22.75 -2.79 0.80
N ALA A 343 22.88 -1.90 -0.18
CA ALA A 343 21.82 -0.93 -0.46
C ALA A 343 20.64 -1.67 -1.07
N ARG A 344 20.95 -2.57 -1.99
CA ARG A 344 19.96 -3.38 -2.69
C ARG A 344 19.02 -4.11 -1.73
N LYS A 345 19.57 -4.71 -0.67
CA LYS A 345 18.70 -5.43 0.25
C LYS A 345 17.62 -4.50 0.73
N TYR A 346 18.00 -3.28 1.07
CA TYR A 346 17.06 -2.28 1.52
C TYR A 346 15.98 -1.99 0.49
N ILE A 347 16.37 -1.69 -0.74
CA ILE A 347 15.36 -1.40 -1.75
C ILE A 347 14.38 -2.57 -1.96
N LEU A 348 14.85 -3.80 -1.73
CA LEU A 348 13.98 -4.96 -1.92
C LEU A 348 12.94 -5.00 -0.83
N LYS A 349 13.28 -4.54 0.37
CA LYS A 349 12.33 -4.53 1.46
C LYS A 349 11.23 -3.50 1.19
N ALA A 350 11.61 -2.39 0.57
CA ALA A 350 10.68 -1.32 0.24
C ALA A 350 9.66 -1.77 -0.79
N GLN A 351 9.75 -3.02 -1.23
CA GLN A 351 8.80 -3.49 -2.24
C GLN A 351 7.66 -4.32 -1.61
N CYS A 352 7.63 -4.43 -0.29
CA CYS A 352 6.55 -5.16 0.36
C CYS A 352 5.22 -4.50 -0.07
N ASN A 353 4.40 -5.27 -0.79
CA ASN A 353 3.15 -4.79 -1.39
C ASN A 353 2.15 -3.97 -0.55
N ASP A 354 1.74 -4.49 0.61
CA ASP A 354 0.80 -3.77 1.46
C ASP A 354 1.39 -2.38 1.58
N ALA A 355 0.56 -1.38 1.82
CA ALA A 355 1.05 0.00 1.95
C ALA A 355 1.12 0.74 0.63
N TYR A 356 0.94 0.01 -0.47
CA TYR A 356 0.94 0.61 -1.79
C TYR A 356 -0.49 0.73 -2.29
N TRP A 357 -1.39 -0.08 -1.73
CA TRP A 357 -2.78 -0.04 -2.15
C TRP A 357 -3.71 -0.08 -0.93
N HIS A 358 -5.01 -0.24 -1.17
CA HIS A 358 -5.98 -0.31 -0.09
C HIS A 358 -7.29 -0.94 -0.57
N GLY A 359 -7.68 -2.03 0.08
CA GLY A 359 -8.92 -2.68 -0.29
C GLY A 359 -9.73 -2.82 0.98
N VAL A 360 -9.67 -3.99 1.59
CA VAL A 360 -10.39 -4.24 2.83
C VAL A 360 -9.48 -3.90 4.02
N PHE A 361 -8.21 -4.26 3.94
CA PHE A 361 -7.25 -3.98 5.02
C PHE A 361 -6.67 -2.57 4.94
N GLY A 362 -6.25 -2.03 6.08
CA GLY A 362 -5.69 -0.68 6.14
C GLY A 362 -4.79 -0.31 4.96
N GLY A 363 -3.76 -1.13 4.72
CA GLY A 363 -2.85 -0.88 3.62
C GLY A 363 -2.14 0.46 3.65
N ILE A 364 -2.31 1.25 2.59
CA ILE A 364 -1.66 2.55 2.47
C ILE A 364 -2.11 3.52 3.55
N TYR A 365 -3.20 3.20 4.23
CA TYR A 365 -3.71 4.07 5.29
C TYR A 365 -3.05 3.80 6.65
N LEU A 366 -2.29 2.73 6.75
CA LEU A 366 -1.60 2.40 7.98
C LEU A 366 -0.22 3.00 7.92
N PRO A 367 0.00 4.12 8.64
CA PRO A 367 1.27 4.84 8.67
C PRO A 367 2.54 4.05 8.86
N HIS A 368 2.53 3.08 9.78
CA HIS A 368 3.73 2.33 10.00
C HIS A 368 4.12 1.43 8.83
N LEU A 369 3.15 1.05 8.00
CA LEU A 369 3.47 0.21 6.85
C LEU A 369 4.15 1.07 5.82
N ARG A 370 3.72 2.32 5.73
CA ARG A 370 4.30 3.22 4.75
C ARG A 370 5.58 3.88 5.29
N ARG A 371 5.71 3.94 6.60
CA ARG A 371 6.89 4.53 7.18
C ARG A 371 8.03 3.54 6.92
N THR A 372 7.68 2.26 6.80
CA THR A 372 8.68 1.23 6.56
C THR A 372 9.17 1.25 5.12
N VAL A 373 8.28 1.55 4.18
CA VAL A 373 8.70 1.60 2.79
C VAL A 373 9.67 2.75 2.61
N TRP A 374 9.30 3.92 3.12
CA TRP A 374 10.15 5.10 3.00
C TRP A 374 11.46 4.94 3.75
N GLU A 375 11.45 4.11 4.79
CA GLU A 375 12.67 3.88 5.54
C GLU A 375 13.69 3.16 4.65
N ASN A 376 13.22 2.09 4.02
CA ASN A 376 14.04 1.29 3.15
C ASN A 376 14.44 1.97 1.85
N ILE A 377 13.59 2.86 1.34
CA ILE A 377 13.94 3.59 0.13
C ILE A 377 15.09 4.51 0.53
N ILE A 378 14.96 5.17 1.67
CA ILE A 378 15.98 6.10 2.13
C ILE A 378 17.25 5.44 2.55
N LYS A 379 17.17 4.34 3.29
CA LYS A 379 18.40 3.67 3.70
C LYS A 379 19.15 3.19 2.46
N ALA A 380 18.41 2.69 1.49
CA ALA A 380 19.03 2.22 0.28
C ALA A 380 19.80 3.34 -0.43
N GLN A 381 19.36 4.58 -0.32
CA GLN A 381 20.06 5.64 -1.03
C GLN A 381 20.85 6.62 -0.19
N ARG A 382 20.90 6.44 1.12
CA ARG A 382 21.63 7.41 1.95
C ARG A 382 23.07 7.66 1.53
N TYR A 383 23.83 6.60 1.28
CA TYR A 383 25.23 6.74 0.89
C TYR A 383 25.53 6.97 -0.60
N LEU A 384 24.52 6.99 -1.45
CA LEU A 384 24.79 7.25 -2.85
C LEU A 384 25.36 8.68 -2.97
N LYS A 385 25.81 9.05 -4.17
CA LYS A 385 26.34 10.40 -4.34
C LYS A 385 25.19 11.37 -4.60
N PRO A 386 25.11 12.46 -3.83
CA PRO A 386 24.07 13.47 -3.95
C PRO A 386 24.10 14.15 -5.31
N GLU A 387 22.93 14.43 -5.87
CA GLU A 387 22.87 15.10 -7.15
C GLU A 387 21.51 15.74 -7.37
N ASN A 388 21.52 17.03 -7.69
CA ASN A 388 20.29 17.75 -7.96
C ASN A 388 19.93 17.41 -9.41
N LYS A 389 18.65 17.22 -9.67
CA LYS A 389 18.25 16.85 -11.01
C LYS A 389 16.79 17.22 -11.26
N ILE A 390 16.47 17.52 -12.52
CA ILE A 390 15.11 17.88 -12.88
C ILE A 390 14.52 16.69 -13.63
N LEU A 391 13.23 16.42 -13.42
CA LEU A 391 12.59 15.31 -14.11
C LEU A 391 11.20 14.99 -13.64
N ASP A 392 10.45 14.39 -14.55
CA ASP A 392 9.08 13.97 -14.29
C ASP A 392 9.22 12.64 -13.53
N VAL A 393 9.16 12.70 -12.20
CA VAL A 393 9.29 11.51 -11.34
C VAL A 393 8.11 10.56 -11.35
N ASP A 394 6.94 11.09 -10.99
CA ASP A 394 5.73 10.28 -10.92
C ASP A 394 4.92 10.14 -12.19
N PHE A 395 5.45 10.69 -13.28
CA PHE A 395 4.82 10.62 -14.61
C PHE A 395 3.55 11.41 -14.80
N ASP A 396 3.47 12.60 -14.22
CA ASP A 396 2.26 13.41 -14.40
C ASP A 396 2.45 14.45 -15.49
N GLY A 397 3.43 14.24 -16.36
CA GLY A 397 3.65 15.17 -17.45
C GLY A 397 4.36 16.47 -17.11
N ARG A 398 4.65 16.69 -15.84
CA ARG A 398 5.35 17.93 -15.48
C ARG A 398 6.64 17.53 -14.78
N ALA A 399 7.56 18.45 -14.54
CA ALA A 399 8.83 18.05 -13.94
C ALA A 399 9.13 18.51 -12.54
N GLU A 400 9.48 17.56 -11.68
CA GLU A 400 9.85 17.90 -10.30
C GLU A 400 11.25 18.49 -10.30
N ILE A 401 11.67 18.83 -9.09
CA ILE A 401 12.99 19.37 -8.86
C ILE A 401 13.49 18.61 -7.65
N MSE A 402 14.57 17.86 -7.84
CA MSE A 402 15.13 17.12 -6.72
C MSE A 402 16.44 17.77 -6.31
O MSE A 402 17.40 17.78 -7.06
CB MSE A 402 15.37 15.65 -7.11
CG MSE A 402 14.10 14.84 -7.26
SE MSE A 402 14.45 12.94 -7.06
CE MSE A 402 14.81 12.54 -8.90
N VAL A 403 16.43 18.34 -5.12
CA VAL A 403 17.59 19.00 -4.56
C VAL A 403 18.05 18.05 -3.48
N GLU A 404 19.35 17.77 -3.41
CA GLU A 404 19.83 16.84 -2.41
C GLU A 404 21.25 17.12 -1.93
N ASN A 405 21.47 17.00 -0.62
CA ASN A 405 22.80 17.18 -0.05
C ASN A 405 23.17 15.97 0.80
N ASP A 406 24.16 16.11 1.67
CA ASP A 406 24.57 14.98 2.49
C ASP A 406 23.53 14.53 3.50
N GLY A 407 22.60 15.41 3.84
CA GLY A 407 21.61 15.06 4.84
C GLY A 407 20.17 14.88 4.39
N PHE A 408 19.77 15.51 3.29
CA PHE A 408 18.39 15.39 2.87
C PHE A 408 18.20 15.25 1.39
N ILE A 409 16.97 14.90 1.04
CA ILE A 409 16.56 14.77 -0.33
C ILE A 409 15.25 15.51 -0.35
N ALA A 410 15.21 16.63 -1.05
CA ALA A 410 14.00 17.39 -1.15
C ALA A 410 13.51 17.30 -2.58
N THR A 411 12.22 16.99 -2.76
CA THR A 411 11.61 16.91 -4.09
C THR A 411 10.51 17.97 -4.10
N ILE A 412 10.69 18.94 -4.98
CA ILE A 412 9.76 20.05 -5.14
C ILE A 412 8.91 19.92 -6.39
N LYS A 413 7.65 20.34 -6.30
CA LYS A 413 6.71 20.25 -7.43
C LYS A 413 6.29 21.62 -7.97
N PRO A 414 7.16 22.28 -8.75
CA PRO A 414 6.83 23.60 -9.32
C PRO A 414 5.38 23.75 -9.76
N HIS A 415 4.94 22.82 -10.59
CA HIS A 415 3.59 22.83 -11.12
C HIS A 415 2.49 22.74 -10.09
N TYR A 416 2.85 22.53 -8.83
CA TYR A 416 1.84 22.46 -7.78
C TYR A 416 2.24 23.27 -6.56
N GLY A 417 1.90 24.55 -6.57
CA GLY A 417 2.23 25.44 -5.47
C GLY A 417 3.72 25.59 -5.24
N GLY A 418 4.53 24.97 -6.10
CA GLY A 418 5.98 25.05 -5.95
C GLY A 418 6.35 24.59 -4.56
N SER A 419 5.64 23.57 -4.09
CA SER A 419 5.81 23.02 -2.75
C SER A 419 6.73 21.79 -2.66
N ILE A 420 7.34 21.63 -1.49
CA ILE A 420 8.22 20.51 -1.24
C ILE A 420 7.35 19.29 -1.00
N PHE A 421 7.25 18.41 -1.99
CA PHE A 421 6.44 17.20 -1.84
C PHE A 421 7.17 16.07 -1.15
N GLU A 422 8.48 16.21 -0.95
CA GLU A 422 9.25 15.17 -0.28
C GLU A 422 10.46 15.70 0.46
N LEU A 423 10.57 15.34 1.73
CA LEU A 423 11.73 15.78 2.47
C LEU A 423 12.20 14.59 3.28
N SER A 424 13.07 13.77 2.70
CA SER A 424 13.55 12.60 3.39
C SER A 424 14.79 12.91 4.20
N SER A 425 14.83 12.35 5.40
CA SER A 425 15.98 12.54 6.27
C SER A 425 16.89 11.34 6.15
N LYS A 426 18.03 11.51 5.50
CA LYS A 426 18.98 10.42 5.37
C LYS A 426 19.41 9.97 6.77
N ARG A 427 19.52 10.94 7.68
CA ARG A 427 19.91 10.69 9.07
C ARG A 427 18.91 9.80 9.83
N LYS A 428 17.62 10.07 9.66
CA LYS A 428 16.58 9.30 10.35
C LYS A 428 15.89 8.25 9.47
N ALA A 429 16.10 8.33 8.16
CA ALA A 429 15.46 7.41 7.22
C ALA A 429 13.94 7.57 7.34
N VAL A 430 13.52 8.81 7.50
CA VAL A 430 12.10 9.12 7.62
C VAL A 430 11.78 10.21 6.65
N ASN A 431 10.58 10.16 6.10
CA ASN A 431 10.14 11.18 5.15
C ASN A 431 9.15 12.08 5.86
N TYR A 432 9.60 13.28 6.17
CA TYR A 432 8.79 14.26 6.88
C TYR A 432 7.43 14.51 6.28
N ASN A 433 7.30 14.29 4.98
CA ASN A 433 6.02 14.52 4.34
C ASN A 433 5.28 13.22 4.08
N ASP A 434 5.56 12.19 4.87
CA ASP A 434 4.89 10.92 4.70
C ASP A 434 3.47 11.05 5.25
N VAL A 435 2.66 11.83 4.55
CA VAL A 435 1.28 12.11 4.95
C VAL A 435 0.28 11.72 3.86
N LEU A 436 -0.99 11.60 4.23
CA LEU A 436 -2.05 11.28 3.27
C LEU A 436 -3.12 12.36 3.24
N PRO A 437 -3.64 12.68 2.04
CA PRO A 437 -4.69 13.69 1.95
C PRO A 437 -5.99 13.01 2.34
N ARG A 438 -6.93 13.73 2.94
CA ARG A 438 -8.20 13.13 3.33
C ARG A 438 -9.08 12.97 2.10
N ARG A 439 -9.37 11.72 1.73
CA ARG A 439 -10.17 11.41 0.55
C ARG A 439 -11.43 10.61 0.83
N TRP A 440 -12.42 10.76 -0.04
CA TRP A 440 -13.67 10.04 0.10
C TRP A 440 -13.54 8.65 -0.52
N GLU A 441 -13.82 7.62 0.25
CA GLU A 441 -13.77 6.25 -0.27
C GLU A 441 -15.20 5.82 -0.62
N HIS A 442 -15.36 5.05 -1.69
CA HIS A 442 -16.69 4.62 -2.09
C HIS A 442 -17.51 3.94 -0.98
N TYR A 443 -16.83 3.27 -0.06
CA TYR A 443 -17.52 2.58 1.02
C TYR A 443 -17.84 3.49 2.21
N HIS A 444 -17.58 4.77 2.05
CA HIS A 444 -17.89 5.73 3.10
C HIS A 444 -19.40 5.96 3.10
N GLU A 445 -20.03 5.55 2.00
CA GLU A 445 -21.47 5.66 1.82
C GLU A 445 -22.07 4.41 2.43
N VAL A 446 -22.74 4.56 3.57
CA VAL A 446 -23.36 3.42 4.23
C VAL A 446 -24.87 3.45 3.97
N PRO A 447 -25.42 2.35 3.45
CA PRO A 447 -26.86 2.30 3.18
C PRO A 447 -27.56 1.22 4.00
N GLU A 448 -28.69 0.74 3.48
CA GLU A 448 -29.49 -0.32 4.10
C GLU A 448 -30.14 0.03 5.43
N ALA A 449 -29.42 0.75 6.28
CA ALA A 449 -29.92 1.15 7.60
C ALA A 449 -31.42 1.43 7.57
N HIS A 464 -15.01 -11.07 4.16
CA HIS A 464 -15.68 -10.31 3.10
C HIS A 464 -17.20 -10.42 3.19
N GLU A 465 -17.83 -9.39 3.77
CA GLU A 465 -19.29 -9.27 3.93
C GLU A 465 -19.75 -8.81 5.31
N LEU A 466 -18.84 -8.13 6.01
CA LEU A 466 -19.12 -7.55 7.32
C LEU A 466 -19.08 -6.05 7.05
N GLY A 467 -19.79 -5.26 7.86
CA GLY A 467 -19.80 -3.83 7.65
C GLY A 467 -20.08 -3.05 8.93
N LYS A 468 -20.13 -1.73 8.82
CA LYS A 468 -20.37 -0.87 9.98
C LYS A 468 -20.76 0.55 9.53
N GLN A 469 -21.64 1.19 10.29
CA GLN A 469 -22.09 2.55 9.98
C GLN A 469 -21.12 3.57 10.57
N ILE A 470 -21.11 4.79 10.04
CA ILE A 470 -20.21 5.81 10.53
C ILE A 470 -20.74 6.53 11.79
N PRO A 471 -20.17 6.21 12.96
CA PRO A 471 -20.61 6.84 14.22
C PRO A 471 -20.43 8.36 14.25
N GLU A 472 -21.47 9.03 14.71
CA GLU A 472 -21.51 10.49 14.81
C GLU A 472 -20.24 11.13 15.34
N GLU A 473 -19.60 10.47 16.30
CA GLU A 473 -18.37 11.01 16.88
C GLU A 473 -17.32 11.20 15.77
N ILE A 474 -17.44 10.40 14.71
CA ILE A 474 -16.54 10.47 13.57
C ILE A 474 -17.11 11.45 12.55
N ARG A 475 -18.39 11.25 12.22
CA ARG A 475 -19.08 12.11 11.26
C ARG A 475 -18.77 13.58 11.57
N ARG A 476 -18.74 13.89 12.86
CA ARG A 476 -18.46 15.25 13.33
C ARG A 476 -17.11 15.77 12.83
N GLU A 477 -16.10 14.90 12.82
CA GLU A 477 -14.77 15.28 12.40
C GLU A 477 -14.33 14.74 11.04
N LEU A 478 -15.28 14.25 10.26
CA LEU A 478 -14.98 13.69 8.95
C LEU A 478 -14.95 14.71 7.81
N ALA A 479 -13.78 15.22 7.47
CA ALA A 479 -13.67 16.20 6.38
C ALA A 479 -12.93 15.62 5.16
N TYR A 480 -13.01 16.32 4.03
CA TYR A 480 -12.35 15.89 2.78
C TYR A 480 -11.54 17.02 2.16
N ASP A 481 -10.26 16.76 1.89
CA ASP A 481 -9.38 17.77 1.31
C ASP A 481 -9.57 17.95 -0.18
N TRP A 482 -9.26 19.15 -0.65
CA TRP A 482 -9.31 19.49 -2.07
C TRP A 482 -7.86 19.81 -2.42
N GLN A 483 -7.03 19.89 -1.38
CA GLN A 483 -5.62 20.19 -1.59
C GLN A 483 -4.76 18.96 -1.30
N LEU A 484 -3.63 18.85 -1.98
CA LEU A 484 -2.71 17.75 -1.72
C LEU A 484 -1.94 18.28 -0.51
N ARG A 485 -1.33 17.39 0.28
CA ARG A 485 -0.62 17.88 1.44
C ARG A 485 0.90 17.81 1.33
N ALA A 486 1.51 18.97 1.13
CA ALA A 486 2.95 19.07 0.99
C ALA A 486 3.51 19.99 2.06
N ILE A 487 4.76 20.39 1.88
CA ILE A 487 5.44 21.29 2.82
C ILE A 487 5.63 22.62 2.09
N LEU A 488 5.17 23.71 2.71
CA LEU A 488 5.22 25.07 2.17
C LEU A 488 4.14 25.32 1.13
N GLN A 489 2.90 25.14 1.55
CA GLN A 489 1.75 25.38 0.70
C GLN A 489 1.29 26.79 1.11
N ASP A 490 1.21 27.71 0.14
CA ASP A 490 0.83 29.11 0.39
C ASP A 490 -0.66 29.48 0.26
N HIS A 491 -1.29 29.86 1.37
CA HIS A 491 -2.71 30.25 1.35
C HIS A 491 -2.91 31.75 1.61
N PHE A 492 -4.13 32.20 1.36
CA PHE A 492 -4.58 33.57 1.60
C PHE A 492 -5.97 33.37 2.20
N ILE A 493 -6.16 33.79 3.46
CA ILE A 493 -7.46 33.63 4.09
C ILE A 493 -7.96 34.91 4.76
N LYS A 494 -9.23 34.89 5.14
CA LYS A 494 -9.85 36.04 5.80
C LYS A 494 -9.33 36.17 7.21
N PRO A 495 -8.86 37.38 7.60
CA PRO A 495 -8.34 37.61 8.95
C PRO A 495 -9.32 37.26 10.06
N GLU A 496 -10.55 36.89 9.68
CA GLU A 496 -11.57 36.54 10.66
C GLU A 496 -11.94 35.07 10.56
N GLU A 497 -11.13 34.30 9.84
CA GLU A 497 -11.40 32.88 9.65
C GLU A 497 -11.17 32.09 10.94
N THR A 498 -11.89 30.98 11.08
CA THR A 498 -11.74 30.14 12.26
C THR A 498 -10.93 28.88 11.96
N LEU A 499 -10.24 28.40 12.99
CA LEU A 499 -9.40 27.22 12.88
C LEU A 499 -10.24 26.00 12.57
N ASP A 500 -11.39 25.87 13.21
CA ASP A 500 -12.24 24.72 12.96
C ASP A 500 -12.78 24.72 11.54
N ASN A 501 -12.84 25.89 10.92
CA ASN A 501 -13.31 25.98 9.54
C ASN A 501 -12.20 25.58 8.58
N TYR A 502 -10.97 25.96 8.91
CA TYR A 502 -9.80 25.63 8.12
C TYR A 502 -9.50 24.15 8.35
N ARG A 503 -9.52 23.76 9.62
CA ARG A 503 -9.29 22.38 10.09
C ARG A 503 -10.10 21.45 9.20
N LEU A 504 -11.42 21.57 9.28
CA LEU A 504 -12.30 20.77 8.44
C LEU A 504 -12.15 21.62 7.18
N VAL A 505 -12.82 21.30 6.08
CA VAL A 505 -12.59 22.13 4.91
C VAL A 505 -13.79 23.01 4.59
N LYS A 506 -14.14 23.84 5.56
CA LYS A 506 -15.26 24.77 5.44
C LYS A 506 -14.77 26.20 5.31
N TYR A 507 -13.46 26.39 5.24
CA TYR A 507 -12.91 27.74 5.14
C TYR A 507 -12.96 28.25 3.70
N HIS A 508 -12.67 29.54 3.54
CA HIS A 508 -12.69 30.15 2.23
C HIS A 508 -11.31 30.55 1.76
N GLU A 509 -10.68 29.66 0.99
CA GLU A 509 -9.36 29.91 0.46
C GLU A 509 -9.46 31.09 -0.49
N LEU A 510 -8.71 32.14 -0.21
CA LEU A 510 -8.74 33.34 -1.04
C LEU A 510 -7.78 33.33 -2.22
N GLY A 511 -6.59 32.79 -2.02
CA GLY A 511 -5.61 32.77 -3.09
C GLY A 511 -5.65 31.54 -3.99
N ASP A 512 -4.92 31.63 -5.10
CA ASP A 512 -4.85 30.53 -6.05
C ASP A 512 -3.37 30.13 -6.15
N PHE A 513 -2.76 29.89 -4.99
CA PHE A 513 -1.34 29.51 -4.95
C PHE A 513 -1.06 28.13 -4.36
N VAL A 514 -2.10 27.45 -3.89
CA VAL A 514 -1.93 26.12 -3.32
C VAL A 514 -1.74 25.09 -4.42
N ASN A 515 -2.74 24.96 -5.28
CA ASN A 515 -2.69 23.98 -6.34
C ASN A 515 -2.33 24.53 -7.73
N GLN A 516 -1.71 25.71 -7.79
CA GLN A 516 -1.34 26.28 -9.09
C GLN A 516 0.18 26.32 -9.26
N PRO A 517 0.66 26.26 -10.51
CA PRO A 517 2.10 26.28 -10.78
C PRO A 517 2.89 27.53 -10.48
N TYR A 518 4.19 27.33 -10.26
CA TYR A 518 5.14 28.39 -9.97
C TYR A 518 6.30 28.26 -10.94
N GLU A 519 6.88 29.41 -11.31
CA GLU A 519 8.04 29.43 -12.19
C GLU A 519 9.24 29.21 -11.28
N TYR A 520 10.31 28.62 -11.81
CA TYR A 520 11.51 28.37 -11.01
C TYR A 520 12.83 28.73 -11.72
N GLU A 521 13.87 28.82 -10.92
CA GLU A 521 15.21 29.15 -11.39
C GLU A 521 16.16 28.55 -10.37
N MSE A 522 17.00 27.62 -10.80
CA MSE A 522 17.92 26.98 -9.88
C MSE A 522 18.84 28.00 -9.19
O MSE A 522 19.47 28.82 -9.85
CB MSE A 522 18.76 25.94 -10.62
CG MSE A 522 17.92 24.86 -11.27
SE MSE A 522 16.68 23.97 -10.07
CE MSE A 522 17.91 22.73 -9.24
N ILE A 523 18.86 27.95 -7.87
CA ILE A 523 19.68 28.85 -7.06
C ILE A 523 20.97 28.12 -6.65
N GLU A 524 21.84 28.81 -5.93
CA GLU A 524 23.10 28.26 -5.47
C GLU A 524 23.01 27.00 -4.62
N ASN A 525 21.92 26.85 -3.88
CA ASN A 525 21.77 25.66 -3.05
C ASN A 525 20.31 25.22 -2.98
N GLY A 526 19.51 25.68 -3.93
CA GLY A 526 18.11 25.32 -3.96
C GLY A 526 17.38 25.84 -5.18
N VAL A 527 16.10 26.19 -5.00
CA VAL A 527 15.28 26.69 -6.08
C VAL A 527 14.48 27.91 -5.68
N LYS A 528 14.47 28.91 -6.57
CA LYS A 528 13.72 30.13 -6.33
C LYS A 528 12.47 30.02 -7.17
N LEU A 529 11.32 29.95 -6.51
CA LEU A 529 10.05 29.84 -7.22
C LEU A 529 9.26 31.12 -7.00
N TRP A 530 8.21 31.30 -7.78
CA TRP A 530 7.34 32.47 -7.69
C TRP A 530 6.15 32.27 -8.62
N ARG A 531 5.02 32.86 -8.28
CA ARG A 531 3.82 32.75 -9.10
C ARG A 531 3.07 34.07 -9.07
N GLU A 532 2.29 34.33 -10.11
CA GLU A 532 1.51 35.55 -10.22
C GLU A 532 0.01 35.29 -10.25
N GLY A 533 -0.54 34.75 -9.18
CA GLY A 533 -1.97 34.50 -9.16
C GLY A 533 -2.70 35.74 -8.69
N GLY A 534 -3.69 35.55 -7.82
CA GLY A 534 -4.43 36.68 -7.30
C GLY A 534 -5.20 36.28 -6.07
N VAL A 535 -5.60 37.28 -5.28
CA VAL A 535 -6.37 37.00 -4.07
C VAL A 535 -7.83 37.20 -4.42
N TYR A 536 -8.41 36.17 -5.04
CA TYR A 536 -9.79 36.17 -5.50
C TYR A 536 -10.85 36.37 -4.45
N ALA A 537 -11.19 37.64 -4.20
CA ALA A 537 -12.22 38.03 -3.25
C ALA A 537 -13.20 38.91 -4.01
N GLU A 538 -13.97 39.72 -3.29
CA GLU A 538 -14.95 40.61 -3.94
C GLU A 538 -14.33 41.14 -5.22
N GLU A 539 -13.06 41.53 -5.10
CA GLU A 539 -12.31 42.04 -6.24
C GLU A 539 -11.05 41.16 -6.30
N LYS A 540 -10.58 40.90 -7.52
CA LYS A 540 -9.40 40.06 -7.69
C LYS A 540 -8.09 40.87 -7.67
N ILE A 541 -7.54 41.07 -6.49
CA ILE A 541 -6.30 41.83 -6.33
C ILE A 541 -5.10 41.02 -6.78
N PRO A 542 -4.71 41.10 -8.06
CA PRO A 542 -3.55 40.31 -8.49
C PRO A 542 -2.41 40.30 -7.46
N ALA A 543 -1.95 39.10 -7.12
CA ALA A 543 -0.88 38.92 -6.15
C ALA A 543 0.36 38.31 -6.79
N ARG A 544 1.39 38.07 -5.98
CA ARG A 544 2.64 37.49 -6.45
C ARG A 544 3.51 37.03 -5.28
N VAL A 545 3.60 35.71 -5.11
CA VAL A 545 4.37 35.11 -4.02
C VAL A 545 5.77 34.65 -4.44
N GLU A 546 6.75 34.86 -3.57
CA GLU A 546 8.10 34.44 -3.87
C GLU A 546 8.71 33.65 -2.72
N LYS A 547 9.23 32.46 -3.02
CA LYS A 547 9.85 31.59 -2.04
C LYS A 547 11.19 31.15 -2.61
N LYS A 548 12.27 31.42 -1.87
CA LYS A 548 13.63 31.04 -2.27
C LYS A 548 14.07 29.92 -1.34
N ILE A 549 13.78 28.69 -1.75
CA ILE A 549 14.09 27.50 -0.95
C ILE A 549 15.50 26.98 -1.16
N GLU A 550 16.22 26.79 -0.08
CA GLU A 550 17.59 26.26 -0.17
C GLU A 550 17.88 25.31 0.97
N LEU A 551 18.30 24.10 0.63
CA LEU A 551 18.63 23.11 1.64
C LEU A 551 19.77 23.62 2.50
N THR A 552 19.80 23.15 3.74
CA THR A 552 20.82 23.52 4.69
C THR A 552 21.35 22.25 5.32
N GLU A 553 22.50 22.34 6.00
CA GLU A 553 23.10 21.19 6.64
C GLU A 553 22.14 20.50 7.60
N ASP A 554 21.03 21.15 7.93
CA ASP A 554 20.10 20.57 8.90
C ASP A 554 18.62 20.68 8.50
N GLY A 555 18.38 20.91 7.23
CA GLY A 555 17.01 21.03 6.76
C GLY A 555 16.88 22.05 5.65
N PHE A 556 16.05 22.90 5.87
CA PHE A 556 15.93 23.90 4.85
C PHE A 556 15.56 25.26 5.41
N ILE A 557 15.53 26.23 4.48
CA ILE A 557 15.20 27.58 4.88
C ILE A 557 14.57 28.20 3.64
N ALA A 558 13.37 28.73 3.80
CA ALA A 558 12.66 29.35 2.70
C ALA A 558 12.41 30.82 3.02
N LYS A 559 12.86 31.69 2.12
CA LYS A 559 12.67 33.13 2.29
C LYS A 559 11.46 33.56 1.45
N TYR A 560 10.41 33.99 2.13
CA TYR A 560 9.18 34.43 1.46
C TYR A 560 9.02 35.93 1.25
N ARG A 561 8.31 36.29 0.18
CA ARG A 561 8.02 37.67 -0.17
C ARG A 561 6.68 37.71 -0.92
N VAL A 562 5.70 38.38 -0.33
CA VAL A 562 4.39 38.47 -0.93
C VAL A 562 3.95 39.92 -1.06
N LEU A 563 3.99 40.43 -2.28
CA LEU A 563 3.60 41.80 -2.56
C LEU A 563 2.28 41.79 -3.31
N LEU A 564 1.27 42.42 -2.72
CA LEU A 564 -0.04 42.48 -3.33
C LEU A 564 -0.09 43.74 -4.19
N GLU A 565 -0.62 43.63 -5.41
CA GLU A 565 -0.70 44.78 -6.30
C GLU A 565 -1.55 45.91 -5.73
N LYS A 566 -2.76 45.59 -5.29
CA LYS A 566 -3.65 46.58 -4.70
C LYS A 566 -3.78 46.26 -3.22
N PRO A 567 -3.82 47.29 -2.35
CA PRO A 567 -3.96 47.04 -0.92
C PRO A 567 -5.19 46.21 -0.57
N TYR A 568 -5.05 45.31 0.40
CA TYR A 568 -6.15 44.45 0.81
C TYR A 568 -5.92 43.85 2.21
N LYS A 569 -7.00 43.70 2.98
CA LYS A 569 -6.90 43.13 4.32
C LYS A 569 -7.05 41.62 4.27
N ALA A 570 -5.94 40.91 4.50
CA ALA A 570 -5.98 39.45 4.49
C ALA A 570 -4.79 38.83 5.20
N LEU A 571 -4.89 37.53 5.46
CA LEU A 571 -3.82 36.77 6.12
C LEU A 571 -3.13 35.82 5.15
N PHE A 572 -1.81 35.84 5.15
CA PHE A 572 -1.03 34.94 4.30
C PHE A 572 -0.56 33.80 5.18
N GLY A 573 -0.70 32.58 4.70
CA GLY A 573 -0.28 31.45 5.52
C GLY A 573 0.52 30.38 4.80
N VAL A 574 1.61 29.96 5.45
CA VAL A 574 2.47 28.91 4.91
C VAL A 574 2.14 27.62 5.65
N GLU A 575 1.81 26.58 4.90
CA GLU A 575 1.47 25.31 5.51
C GLU A 575 2.57 24.25 5.31
N ILE A 576 2.91 23.58 6.40
CA ILE A 576 3.91 22.53 6.42
C ILE A 576 3.24 21.29 6.98
N ASN A 577 3.15 20.23 6.20
CA ASN A 577 2.53 19.00 6.67
C ASN A 577 3.61 18.04 7.14
N LEU A 578 3.62 17.74 8.43
CA LEU A 578 4.61 16.82 8.97
C LEU A 578 3.95 15.49 9.26
N ALA A 579 4.73 14.42 9.21
CA ALA A 579 4.21 13.09 9.44
C ALA A 579 4.27 12.60 10.87
N VAL A 580 3.64 13.36 11.76
CA VAL A 580 3.59 12.99 13.16
C VAL A 580 2.63 11.79 13.20
N HIS A 581 3.14 10.62 13.59
CA HIS A 581 2.32 9.42 13.60
C HIS A 581 2.09 8.74 14.93
N SER A 582 2.99 8.91 15.88
CA SER A 582 2.84 8.24 17.17
C SER A 582 2.41 9.14 18.32
N VAL A 583 2.20 10.41 18.02
CA VAL A 583 1.78 11.38 19.03
C VAL A 583 0.36 11.83 18.66
N MSE A 584 -0.63 11.32 19.39
CA MSE A 584 -2.01 11.69 19.12
C MSE A 584 -2.18 13.16 19.46
O MSE A 584 -2.26 13.54 20.62
CB MSE A 584 -2.98 10.84 19.94
CG MSE A 584 -3.00 9.38 19.49
SE MSE A 584 -2.92 9.21 17.55
CE MSE A 584 -4.80 9.46 17.13
N GLU A 585 -2.19 13.98 18.40
CA GLU A 585 -2.30 15.41 18.51
C GLU A 585 -3.75 15.90 18.38
N LYS A 586 -3.98 17.16 18.71
CA LYS A 586 -5.30 17.78 18.62
C LYS A 586 -5.15 19.23 18.17
N PRO A 587 -6.24 19.83 17.65
CA PRO A 587 -6.20 21.23 17.19
C PRO A 587 -5.72 22.23 18.21
N GLU A 588 -4.78 23.08 17.80
CA GLU A 588 -4.22 24.12 18.65
C GLU A 588 -4.12 25.40 17.85
N GLU A 589 -4.08 26.52 18.55
CA GLU A 589 -3.92 27.84 17.95
C GLU A 589 -3.01 28.58 18.91
N PHE A 590 -2.01 29.27 18.37
CA PHE A 590 -1.08 29.97 19.23
C PHE A 590 -0.12 30.91 18.50
N GLU A 591 0.38 31.88 19.26
CA GLU A 591 1.29 32.88 18.76
C GLU A 591 2.69 32.35 19.02
N ALA A 592 3.57 32.43 18.02
CA ALA A 592 4.92 31.94 18.20
C ALA A 592 5.83 32.42 17.09
N LYS A 593 7.11 32.54 17.41
CA LYS A 593 8.11 32.93 16.44
C LYS A 593 8.91 31.67 16.15
N GLU A 594 8.84 30.71 17.09
CA GLU A 594 9.53 29.44 16.99
C GLU A 594 8.73 28.33 17.67
N PHE A 595 8.98 27.08 17.28
CA PHE A 595 8.30 25.95 17.92
C PHE A 595 8.81 24.60 17.43
N GLU A 596 8.71 23.59 18.30
CA GLU A 596 9.18 22.24 18.02
C GLU A 596 8.08 21.21 17.92
N VAL A 597 8.34 20.16 17.14
CA VAL A 597 7.41 19.07 16.98
C VAL A 597 8.17 17.88 17.54
N ASN A 598 7.50 16.99 18.25
CA ASN A 598 8.21 15.84 18.76
C ASN A 598 7.41 14.57 18.55
N ASP A 599 7.93 13.73 17.67
CA ASP A 599 7.26 12.49 17.36
C ASP A 599 8.17 11.30 17.64
N PRO A 600 8.37 10.95 18.93
CA PRO A 600 9.25 9.81 19.23
C PRO A 600 8.56 8.66 18.53
N TYR A 601 9.31 7.74 17.94
CA TYR A 601 8.69 6.62 17.20
C TYR A 601 8.07 7.06 15.87
N GLY A 602 8.18 8.35 15.55
CA GLY A 602 7.65 8.85 14.29
C GLY A 602 8.79 9.57 13.58
N ILE A 603 8.56 10.83 13.23
CA ILE A 603 9.62 11.61 12.61
C ILE A 603 10.51 12.01 13.77
N GLY A 604 11.63 12.65 13.49
CA GLY A 604 12.49 12.99 14.61
C GLY A 604 11.88 13.99 15.57
N LYS A 605 12.65 15.04 15.77
CA LYS A 605 12.29 16.15 16.60
C LYS A 605 12.74 17.27 15.67
N VAL A 606 11.79 18.05 15.18
CA VAL A 606 12.12 19.13 14.29
C VAL A 606 11.73 20.45 14.91
N ARG A 607 12.28 21.53 14.36
CA ARG A 607 11.94 22.85 14.82
C ARG A 607 11.81 23.81 13.67
N ILE A 608 10.71 24.55 13.70
CA ILE A 608 10.38 25.56 12.72
C ILE A 608 10.78 26.90 13.34
N GLU A 609 11.49 27.74 12.61
CA GLU A 609 11.93 29.02 13.13
C GLU A 609 11.64 30.18 12.19
N LEU A 610 10.68 31.01 12.57
CA LEU A 610 10.32 32.18 11.76
C LEU A 610 11.18 33.35 12.24
N ASP A 611 11.26 34.42 11.45
CA ASP A 611 12.04 35.58 11.84
C ASP A 611 11.07 36.73 12.11
N LYS A 612 9.81 36.34 12.28
CA LYS A 612 8.71 37.26 12.54
C LYS A 612 7.54 36.43 13.05
N ALA A 613 7.34 36.44 14.36
CA ALA A 613 6.27 35.69 15.00
C ALA A 613 5.00 35.70 14.16
N ALA A 614 4.19 34.65 14.32
CA ALA A 614 2.96 34.54 13.55
C ALA A 614 1.91 33.71 14.27
N LYS A 615 0.74 33.64 13.66
CA LYS A 615 -0.39 32.89 14.19
C LYS A 615 -0.24 31.48 13.64
N VAL A 616 -0.04 30.52 14.54
CA VAL A 616 0.14 29.14 14.13
C VAL A 616 -1.12 28.32 14.30
N TRP A 617 -1.49 27.59 13.27
CA TRP A 617 -2.67 26.73 13.30
C TRP A 617 -2.24 25.29 13.11
N LYS A 618 -2.49 24.48 14.14
CA LYS A 618 -2.10 23.07 14.11
C LYS A 618 -3.30 22.16 14.21
N PHE A 619 -3.34 21.10 13.40
CA PHE A 619 -4.45 20.15 13.47
C PHE A 619 -4.15 18.76 12.90
N PRO A 620 -4.64 17.71 13.56
CA PRO A 620 -4.43 16.32 13.13
C PRO A 620 -5.18 16.00 11.84
N ILE A 621 -4.49 15.34 10.92
CA ILE A 621 -5.10 14.95 9.65
C ILE A 621 -5.71 13.57 9.83
N LYS A 622 -7.01 13.54 10.12
CA LYS A 622 -7.73 12.31 10.35
C LYS A 622 -8.33 11.72 9.08
N THR A 623 -8.15 10.41 8.94
CA THR A 623 -8.60 9.66 7.80
C THR A 623 -9.60 8.59 8.22
N LEU A 624 -10.73 8.47 7.52
CA LEU A 624 -11.70 7.44 7.84
C LEU A 624 -11.37 6.26 6.93
N SER A 625 -10.71 5.26 7.47
CA SER A 625 -10.32 4.10 6.69
C SER A 625 -11.07 2.85 7.13
N GLN A 626 -10.98 1.81 6.32
CA GLN A 626 -11.65 0.53 6.62
C GLN A 626 -10.63 -0.54 7.00
N SER A 627 -11.12 -1.60 7.65
CA SER A 627 -10.27 -2.72 8.05
C SER A 627 -11.17 -3.92 8.31
N GLU A 628 -10.62 -4.94 8.95
CA GLU A 628 -11.41 -6.13 9.27
C GLU A 628 -12.28 -5.76 10.47
N ALA A 629 -11.63 -5.31 11.54
CA ALA A 629 -12.33 -4.91 12.76
C ALA A 629 -13.47 -3.98 12.41
N GLY A 630 -13.13 -2.83 11.84
CA GLY A 630 -14.17 -1.88 11.46
C GLY A 630 -13.64 -0.61 10.82
N TRP A 631 -14.02 0.52 11.40
CA TRP A 631 -13.62 1.82 10.90
C TRP A 631 -12.28 2.24 11.45
N ASP A 632 -11.46 2.85 10.61
CA ASP A 632 -10.15 3.33 11.02
C ASP A 632 -10.00 4.83 10.88
N PHE A 633 -10.09 5.55 12.00
CA PHE A 633 -9.91 6.99 11.98
C PHE A 633 -8.42 7.09 12.40
N ILE A 634 -7.56 7.39 11.43
CA ILE A 634 -6.13 7.42 11.67
C ILE A 634 -5.44 8.77 11.42
N GLN A 635 -4.62 9.17 12.37
CA GLN A 635 -3.87 10.40 12.21
C GLN A 635 -2.81 10.10 11.14
N GLN A 636 -3.00 10.65 9.94
CA GLN A 636 -2.03 10.41 8.88
C GLN A 636 -0.91 11.43 8.98
N GLY A 637 -1.11 12.42 9.84
CA GLY A 637 -0.11 13.46 10.03
C GLY A 637 -0.65 14.66 10.78
N VAL A 638 0.05 15.78 10.69
CA VAL A 638 -0.36 17.00 11.37
C VAL A 638 0.07 18.24 10.57
N SER A 639 -0.89 19.13 10.33
CA SER A 639 -0.66 20.37 9.60
C SER A 639 -0.35 21.53 10.55
N TYR A 640 0.75 22.23 10.26
CA TYR A 640 1.18 23.39 11.04
C TYR A 640 1.26 24.54 10.03
N THR A 641 0.29 25.43 10.03
CA THR A 641 0.34 26.52 9.07
C THR A 641 0.50 27.87 9.77
N MSE A 642 1.55 28.61 9.40
CA MSE A 642 1.84 29.93 10.00
C MSE A 642 1.17 31.10 9.28
O MSE A 642 1.49 31.41 8.13
CB MSE A 642 3.35 30.18 10.03
CG MSE A 642 4.12 29.31 11.01
SE MSE A 642 4.55 27.58 10.29
CE MSE A 642 6.25 28.02 9.51
N LEU A 643 0.24 31.75 9.99
CA LEU A 643 -0.51 32.88 9.46
C LEU A 643 0.14 34.21 9.76
N PHE A 644 0.24 35.05 8.74
CA PHE A 644 0.84 36.37 8.86
C PHE A 644 -0.19 37.36 8.31
N PRO A 645 -0.23 38.60 8.84
CA PRO A 645 -1.19 39.57 8.32
C PRO A 645 -0.53 40.29 7.15
N ILE A 646 -1.32 40.65 6.14
CA ILE A 646 -0.81 41.35 4.96
C ILE A 646 -1.84 42.29 4.34
N GLU A 647 -1.36 43.43 3.85
CA GLU A 647 -2.23 44.41 3.20
C GLU A 647 -1.65 44.82 1.87
N LYS A 648 -0.32 44.89 1.79
CA LYS A 648 0.34 45.28 0.56
C LYS A 648 1.70 44.62 0.46
N GLU A 649 2.36 44.46 1.59
CA GLU A 649 3.68 43.86 1.62
C GLU A 649 3.88 42.92 2.79
N LEU A 650 4.58 41.81 2.55
CA LEU A 650 4.88 40.81 3.57
C LEU A 650 6.18 40.09 3.27
N GLU A 651 6.98 39.87 4.30
CA GLU A 651 8.25 39.18 4.15
C GLU A 651 8.62 38.45 5.43
N PHE A 652 9.21 37.27 5.29
CA PHE A 652 9.59 36.48 6.45
C PHE A 652 10.44 35.31 5.99
N THR A 653 10.89 34.52 6.96
CA THR A 653 11.74 33.38 6.66
C THR A 653 11.40 32.18 7.53
N VAL A 654 10.95 31.11 6.88
CA VAL A 654 10.62 29.87 7.58
C VAL A 654 11.86 28.98 7.56
N ARG A 655 12.27 28.48 8.70
CA ARG A 655 13.43 27.61 8.73
C ARG A 655 13.08 26.26 9.33
N PHE A 656 13.47 25.18 8.64
CA PHE A 656 13.21 23.83 9.14
C PHE A 656 14.53 23.26 9.67
N ARG A 657 14.53 22.91 10.95
CA ARG A 657 15.72 22.35 11.58
C ARG A 657 15.48 20.97 12.17
N GLU A 658 16.22 19.98 11.68
CA GLU A 658 16.12 18.63 12.19
C GLU A 658 16.94 18.58 13.49
N LEU A 659 16.37 18.01 14.53
CA LEU A 659 17.04 17.91 15.83
C LEU A 659 17.22 16.48 16.27
C1 GLC B . -9.25 -12.57 -0.44
C2 GLC B . -7.89 -13.27 -0.66
C3 GLC B . -6.86 -12.85 0.42
C4 GLC B . -6.82 -11.33 0.52
C5 GLC B . -8.23 -10.77 0.74
C6 GLC B . -8.24 -9.25 0.83
O1 GLC B . -9.82 -13.06 0.74
O2 GLC B . -8.08 -14.67 -0.61
O3 GLC B . -5.59 -13.28 0.00
O4 GLC B . -6.02 -10.97 1.62
O5 GLC B . -9.08 -11.15 -0.34
O6 GLC B . -7.17 -8.66 0.08
CA CA C . 6.13 15.00 -12.26
S SO4 D . 15.35 -1.58 -14.51
O1 SO4 D . 14.10 -2.36 -14.67
O2 SO4 D . 15.62 -1.33 -13.08
O3 SO4 D . 16.46 -2.33 -15.11
O4 SO4 D . 15.22 -0.28 -15.21
#